data_2QLV
#
_entry.id   2QLV
#
_cell.length_a   112.330
_cell.length_b   81.840
_cell.length_c   174.740
_cell.angle_alpha   90.000
_cell.angle_beta   102.220
_cell.angle_gamma   90.000
#
_symmetry.space_group_name_H-M   'C 1 2 1'
#
loop_
_entity.id
_entity.type
_entity.pdbx_description
1 polymer 'Carbon catabolite derepressing protein kinase'
2 polymer 'Protein SIP2'
3 polymer 'Nuclear protein SNF4'
4 water water
#
loop_
_entity_poly.entity_id
_entity_poly.type
_entity_poly.pdbx_seq_one_letter_code
_entity_poly.pdbx_strand_id
1 'polypeptide(L)'
;YKEEDSTVSILPTSLPQIHRANMLAQGSPAASKISPLVTKKSKTRWHFGIRSRSYPLDVMGEIYIALKNLGAEWAKPSEE
DLWTIKLRWKYDIGNKTNTNEKIPDLMKMVIQLFQIETNNYLVDFKFDGWESSYGDDTTVSNISEDEMSTFSAYPFLHLT
TKLIMELAVNS
;
A,D
2 'polypeptide(L)'
;SLMVPVEIRWQQGGSKVYVTGSFTKWRKMIGLIPDSDNNGSFHVKLRLLPGTHRFRFIVDNELRVSDFLPTATDQMGNFV
NYIEVRQPEKNPTNEKIRSKEADSMRPPTSDRSSIALQIGKDPDDFGDGYTRFHEDLSPRPPLEYTTDIPAVFTDPSVME
RYYYTLDRQQSNTDTSWLTPPQLPPQLENVILNKYYATQDQFNENNSGALPIPNHVVLNHLVTSSIKHNTLCVASIVRYK
QKYVTQILYTPI
;
B,E
3 'polypeptide(L)'
;SQEKVSIEQQLAVESIRKFLNSKTSYDVLPVSYRLIVLDTSLLVKKSLNVLLQNSIVSAPLWDSKTSRFAGLLTTTDFIN
VIQYYFSNPDKFELVDKLQLDGLKDIERALGVDQLDTASIHPSRPLFEACLKMLESRSGRIPLIDQDEETHREIVVSVLT
QYRILKFVALNCRETHFLKIPIGDLNIITQDNMKSCQMTTPVIDVIQMLTQGRVSSVPIIDENGYLINVYEAYDVLGLIK
GGIYNDLSLSVGEALMRRSDDFEGVYTCTKNDKLSTIMDNIRKARVHRFFVVDDVGRLVGVLTLSDILKYILLGS
;
C,F
#
# COMPACT_ATOMS: atom_id res chain seq x y z
N TYR A 1 -11.60 36.65 7.88
CA TYR A 1 -12.38 35.65 7.09
C TYR A 1 -12.42 36.04 5.62
N LYS A 2 -12.08 35.07 4.76
CA LYS A 2 -12.04 35.28 3.33
C LYS A 2 -12.23 33.95 2.59
N GLU A 3 -13.20 33.89 1.69
CA GLU A 3 -13.45 32.68 0.89
C GLU A 3 -14.45 32.96 -0.23
N GLU A 4 -14.11 32.55 -1.45
CA GLU A 4 -14.97 32.78 -2.60
C GLU A 4 -16.05 31.73 -2.77
N ASP A 5 -16.19 31.25 -4.01
CA ASP A 5 -17.17 30.23 -4.38
C ASP A 5 -16.96 28.94 -3.60
N SER A 6 -15.99 28.95 -2.68
CA SER A 6 -15.70 27.79 -1.86
C SER A 6 -16.94 27.40 -1.05
N THR A 7 -16.97 26.15 -0.60
CA THR A 7 -18.07 25.67 0.21
C THR A 7 -17.49 24.82 1.33
N VAL A 8 -16.23 25.06 1.64
CA VAL A 8 -15.49 24.36 2.69
C VAL A 8 -15.54 25.24 3.93
N SER A 9 -15.95 24.67 5.05
CA SER A 9 -16.04 25.48 6.23
C SER A 9 -16.19 24.72 7.55
N ILE A 10 -16.02 25.47 8.63
CA ILE A 10 -16.10 24.94 9.97
C ILE A 10 -17.54 24.86 10.46
N LEU A 11 -17.97 23.64 10.76
CA LEU A 11 -19.30 23.34 11.24
C LEU A 11 -19.49 24.06 12.58
N PRO A 12 -20.20 25.21 12.57
CA PRO A 12 -20.46 26.06 13.73
C PRO A 12 -20.89 25.36 15.02
N THR A 13 -21.69 24.32 14.91
CA THR A 13 -22.11 23.57 16.10
C THR A 13 -20.98 22.71 16.70
N SER A 14 -19.81 22.68 16.07
CA SER A 14 -18.69 21.90 16.63
C SER A 14 -17.69 22.79 17.36
N LEU A 15 -17.89 24.10 17.32
CA LEU A 15 -16.99 25.00 18.05
C LEU A 15 -17.31 24.68 19.51
N PRO A 16 -16.27 24.48 20.34
CA PRO A 16 -16.46 24.14 21.75
C PRO A 16 -17.52 24.88 22.56
N GLN A 17 -17.41 26.20 22.64
CA GLN A 17 -18.37 26.96 23.41
C GLN A 17 -19.81 26.74 22.96
N ILE A 18 -20.04 26.80 21.66
CA ILE A 18 -21.38 26.62 21.13
C ILE A 18 -21.98 25.28 21.54
N HIS A 19 -21.23 24.21 21.31
CA HIS A 19 -21.68 22.87 21.66
C HIS A 19 -21.84 22.79 23.19
N ARG A 20 -20.95 23.45 23.92
CA ARG A 20 -21.03 23.45 25.37
C ARG A 20 -22.37 24.09 25.71
N ALA A 21 -22.61 25.28 25.16
CA ALA A 21 -23.87 25.97 25.40
C ALA A 21 -25.07 25.12 25.08
N ASN A 22 -25.07 24.44 23.93
CA ASN A 22 -26.23 23.63 23.59
C ASN A 22 -26.44 22.47 24.52
N MET A 23 -25.36 21.88 25.01
CA MET A 23 -25.47 20.76 25.90
C MET A 23 -26.17 21.18 27.19
N LEU A 24 -25.83 22.38 27.64
CA LEU A 24 -26.40 22.97 28.84
C LEU A 24 -27.88 23.32 28.62
N ALA A 25 -28.21 23.82 27.44
CA ALA A 25 -29.58 24.19 27.12
C ALA A 25 -30.44 22.93 27.04
N GLN A 26 -29.84 21.78 26.80
CA GLN A 26 -30.64 20.58 26.75
C GLN A 26 -30.91 20.08 28.18
N GLY A 27 -30.14 20.59 29.14
CA GLY A 27 -30.32 20.22 30.54
C GLY A 27 -30.02 18.80 31.00
N SER A 28 -28.79 18.39 30.78
CA SER A 28 -28.33 17.06 31.19
C SER A 28 -27.61 17.25 32.52
N PRO A 29 -28.05 16.56 33.58
CA PRO A 29 -27.35 16.75 34.86
C PRO A 29 -25.83 16.70 34.80
N ALA A 30 -25.27 15.71 34.11
CA ALA A 30 -23.81 15.60 34.01
C ALA A 30 -23.19 16.83 33.35
N ALA A 31 -23.81 17.24 32.24
CA ALA A 31 -23.37 18.40 31.46
C ALA A 31 -22.99 19.65 32.27
N SER A 32 -23.74 19.95 33.32
CA SER A 32 -23.46 21.14 34.12
C SER A 32 -22.17 21.01 34.91
N LYS A 33 -21.70 19.79 35.08
CA LYS A 33 -20.48 19.52 35.84
C LYS A 33 -19.22 19.44 34.99
N ILE A 34 -19.38 19.07 33.73
CA ILE A 34 -18.25 18.92 32.81
C ILE A 34 -17.56 20.21 32.37
N SER A 35 -16.25 20.29 32.60
CA SER A 35 -15.45 21.46 32.23
C SER A 35 -14.47 21.18 31.09
N PRO A 36 -14.14 22.20 30.30
CA PRO A 36 -13.19 21.98 29.20
C PRO A 36 -11.82 21.62 29.75
N LEU A 37 -11.00 20.94 28.93
CA LEU A 37 -9.66 20.54 29.35
C LEU A 37 -8.61 21.56 28.94
N VAL A 38 -7.62 21.77 29.80
CA VAL A 38 -6.54 22.71 29.54
C VAL A 38 -5.17 22.04 29.66
N THR A 39 -4.14 22.68 29.12
CA THR A 39 -2.75 22.17 29.15
C THR A 39 -2.52 21.12 30.24
N THR A 44 10.19 21.70 27.15
CA THR A 44 10.24 22.31 28.47
C THR A 44 11.48 23.22 28.62
N ARG A 45 12.08 23.21 29.81
CA ARG A 45 13.28 24.01 30.08
C ARG A 45 14.52 23.12 30.03
N TRP A 46 15.06 22.92 28.83
CA TRP A 46 16.24 22.06 28.69
C TRP A 46 17.48 22.69 29.24
N HIS A 47 18.23 21.92 30.02
CA HIS A 47 19.46 22.43 30.55
C HIS A 47 20.62 21.49 30.26
N PHE A 48 21.81 22.08 30.14
CA PHE A 48 23.00 21.32 29.86
C PHE A 48 23.45 20.52 31.07
N GLY A 49 23.72 19.24 30.84
CA GLY A 49 24.17 18.35 31.90
C GLY A 49 23.36 18.37 33.18
N ILE A 50 24.07 18.55 34.29
CA ILE A 50 23.44 18.60 35.61
C ILE A 50 24.09 19.68 36.48
N ARG A 51 23.25 20.45 37.17
CA ARG A 51 23.69 21.53 38.05
C ARG A 51 23.70 21.08 39.51
N SER A 52 24.54 21.72 40.32
CA SER A 52 24.62 21.39 41.73
C SER A 52 25.37 22.49 42.50
N ARG A 53 24.69 23.13 43.45
CA ARG A 53 25.33 24.19 44.23
C ARG A 53 25.99 23.67 45.51
N SER A 54 26.64 22.52 45.40
CA SER A 54 27.32 21.91 46.55
C SER A 54 28.80 21.74 46.23
N TYR A 55 29.58 21.32 47.22
CA TYR A 55 31.02 21.15 47.04
C TYR A 55 31.36 20.16 45.95
N PRO A 56 32.28 20.54 45.06
CA PRO A 56 32.74 19.72 43.92
C PRO A 56 33.42 18.40 44.26
N LEU A 57 33.62 18.13 45.55
CA LEU A 57 34.22 16.87 45.96
C LEU A 57 33.11 15.88 46.30
N ASP A 58 32.06 16.39 46.94
CA ASP A 58 30.93 15.56 47.32
C ASP A 58 30.09 15.21 46.11
N VAL A 59 30.28 15.96 45.03
CA VAL A 59 29.59 15.75 43.77
C VAL A 59 30.37 14.69 42.99
N MET A 60 31.66 14.94 42.84
CA MET A 60 32.57 14.05 42.14
C MET A 60 32.56 12.67 42.81
N GLY A 61 32.38 12.67 44.13
CA GLY A 61 32.38 11.42 44.86
C GLY A 61 31.14 10.60 44.60
N GLU A 62 29.99 11.23 44.73
CA GLU A 62 28.76 10.52 44.50
C GLU A 62 28.69 9.99 43.08
N ILE A 63 29.34 10.67 42.14
CA ILE A 63 29.34 10.19 40.77
C ILE A 63 30.08 8.87 40.72
N TYR A 64 31.29 8.83 41.29
CA TYR A 64 32.06 7.59 41.30
C TYR A 64 31.32 6.51 42.09
N ILE A 65 30.75 6.89 43.22
CA ILE A 65 30.01 5.95 44.04
C ILE A 65 28.93 5.31 43.20
N ALA A 66 27.98 6.12 42.75
CA ALA A 66 26.86 5.66 41.91
C ALA A 66 27.36 4.81 40.76
N LEU A 67 28.51 5.20 40.20
CA LEU A 67 29.08 4.45 39.10
C LEU A 67 29.43 3.03 39.49
N LYS A 68 30.49 2.86 40.28
CA LYS A 68 30.95 1.53 40.71
C LYS A 68 29.80 0.55 40.93
N ASN A 69 28.73 1.02 41.56
CA ASN A 69 27.59 0.16 41.84
C ASN A 69 26.80 -0.20 40.59
N LEU A 70 26.85 0.65 39.56
CA LEU A 70 26.13 0.40 38.30
C LEU A 70 26.89 -0.53 37.36
N GLY A 71 28.08 -0.94 37.77
CA GLY A 71 28.87 -1.84 36.96
C GLY A 71 29.93 -1.16 36.12
N ALA A 72 29.95 0.16 36.13
CA ALA A 72 30.92 0.90 35.33
C ALA A 72 32.32 0.82 35.91
N GLU A 73 33.29 1.25 35.11
CA GLU A 73 34.69 1.28 35.49
C GLU A 73 35.30 2.55 34.92
N TRP A 74 36.36 3.06 35.54
CA TRP A 74 37.00 4.28 35.07
C TRP A 74 38.51 4.10 35.02
N ALA A 75 39.19 5.06 34.39
CA ALA A 75 40.65 5.01 34.26
C ALA A 75 41.36 5.67 35.45
N LYS A 76 42.64 5.34 35.63
CA LYS A 76 43.44 5.89 36.72
C LYS A 76 43.81 7.34 36.41
N PRO A 77 43.27 8.28 37.19
CA PRO A 77 43.46 9.73 37.08
C PRO A 77 44.89 10.27 37.22
N SER A 78 44.97 11.47 37.78
CA SER A 78 46.22 12.21 38.01
C SER A 78 46.69 12.94 36.77
N LEU A 82 41.87 15.65 39.50
CA LEU A 82 41.25 16.02 38.24
C LEU A 82 39.73 15.99 38.39
N TRP A 83 39.03 16.58 37.44
CA TRP A 83 37.58 16.57 37.51
C TRP A 83 37.00 15.93 36.27
N THR A 84 37.82 15.09 35.63
CA THR A 84 37.40 14.38 34.43
C THR A 84 37.42 12.88 34.63
N ILE A 85 36.28 12.25 34.36
CA ILE A 85 36.18 10.80 34.48
C ILE A 85 36.08 10.24 33.07
N LYS A 86 36.94 9.27 32.77
CA LYS A 86 36.98 8.60 31.48
C LYS A 86 36.46 7.20 31.79
N LEU A 87 35.16 6.98 31.63
CA LEU A 87 34.61 5.66 31.96
C LEU A 87 34.35 4.73 30.80
N ARG A 88 34.13 3.47 31.14
CA ARG A 88 33.84 2.44 30.17
C ARG A 88 32.71 1.69 30.84
N TRP A 89 31.64 1.43 30.11
CA TRP A 89 30.49 0.76 30.70
C TRP A 89 30.04 -0.31 29.71
N LYS A 90 29.33 -1.34 30.17
CA LYS A 90 28.87 -2.38 29.25
C LYS A 90 27.68 -3.14 29.80
N ASP A 105 29.94 -5.61 24.10
CA ASP A 105 30.57 -4.34 23.75
C ASP A 105 30.57 -3.36 24.92
N LEU A 106 31.65 -2.60 25.03
CA LEU A 106 31.84 -1.64 26.09
C LEU A 106 31.58 -0.24 25.56
N MET A 107 30.75 0.51 26.27
CA MET A 107 30.44 1.88 25.87
C MET A 107 31.34 2.88 26.59
N LYS A 108 32.00 3.74 25.82
CA LYS A 108 32.86 4.77 26.39
C LYS A 108 32.02 5.98 26.71
N MET A 109 32.47 6.76 27.69
CA MET A 109 31.74 7.94 28.11
C MET A 109 32.74 8.80 28.84
N VAL A 110 32.47 10.10 28.93
CA VAL A 110 33.38 11.00 29.62
C VAL A 110 32.63 12.05 30.44
N ILE A 111 32.99 12.16 31.72
CA ILE A 111 32.34 13.14 32.57
C ILE A 111 33.30 14.27 32.91
N GLN A 112 32.78 15.49 32.89
CA GLN A 112 33.55 16.69 33.16
C GLN A 112 32.82 17.54 34.17
N LEU A 113 33.56 18.18 35.05
CA LEU A 113 32.94 19.05 36.04
C LEU A 113 33.29 20.47 35.63
N PHE A 114 32.36 21.39 35.82
CA PHE A 114 32.58 22.78 35.46
C PHE A 114 32.14 23.73 36.56
N GLN A 115 32.86 24.84 36.66
CA GLN A 115 32.58 25.86 37.67
C GLN A 115 31.62 26.93 37.17
N ASN A 119 30.44 27.96 45.06
CA ASN A 119 30.11 28.57 43.78
C ASN A 119 28.92 27.82 43.16
N ASN A 120 29.01 27.56 41.84
CA ASN A 120 27.95 26.84 41.13
C ASN A 120 28.64 25.97 40.08
N TYR A 121 28.19 24.71 39.97
CA TYR A 121 28.82 23.77 39.01
C TYR A 121 27.88 22.96 38.11
N LEU A 122 28.44 22.48 37.00
CA LEU A 122 27.70 21.70 36.04
C LEU A 122 28.48 20.45 35.69
N VAL A 123 27.78 19.32 35.62
CA VAL A 123 28.40 18.05 35.27
C VAL A 123 27.97 17.67 33.85
N ASP A 124 28.96 17.52 32.98
CA ASP A 124 28.70 17.16 31.60
C ASP A 124 28.92 15.67 31.31
N PHE A 125 27.97 15.11 30.57
CA PHE A 125 28.03 13.71 30.19
C PHE A 125 28.16 13.69 28.67
N LYS A 126 29.20 13.02 28.17
CA LYS A 126 29.42 12.95 26.74
C LYS A 126 29.70 11.54 26.30
N PHE A 127 29.03 11.13 25.22
CA PHE A 127 29.20 9.81 24.63
C PHE A 127 30.58 9.84 23.97
N ASP A 128 31.24 8.68 23.90
CA ASP A 128 32.58 8.66 23.31
C ASP A 128 32.98 7.39 22.55
N GLY A 129 32.03 6.52 22.28
CA GLY A 129 32.39 5.34 21.52
C GLY A 129 32.14 3.97 22.11
N TRP A 130 32.62 2.96 21.39
CA TRP A 130 32.47 1.60 21.82
C TRP A 130 33.79 0.85 21.77
N GLU A 131 33.80 -0.33 22.37
CA GLU A 131 34.98 -1.18 22.42
C GLU A 131 34.56 -2.61 22.79
N SER A 132 35.53 -3.47 23.09
CA SER A 132 35.22 -4.85 23.48
C SER A 132 36.46 -5.59 24.01
N GLU A 147 27.61 8.08 11.14
CA GLU A 147 28.34 8.10 12.40
C GLU A 147 27.86 7.00 13.34
N MET A 148 28.78 6.47 14.15
CA MET A 148 28.44 5.40 15.09
C MET A 148 27.78 6.04 16.31
N SER A 149 28.03 7.33 16.49
CA SER A 149 27.46 8.08 17.60
C SER A 149 25.95 8.00 17.46
N THR A 150 25.48 8.35 16.27
CA THR A 150 24.06 8.36 15.95
C THR A 150 23.37 7.03 16.24
N PHE A 151 24.00 5.93 15.84
CA PHE A 151 23.45 4.59 16.06
C PHE A 151 23.35 4.26 17.54
N SER A 152 24.18 4.94 18.33
CA SER A 152 24.20 4.73 19.77
C SER A 152 23.66 5.98 20.45
N ALA A 153 22.42 6.33 20.15
CA ALA A 153 21.80 7.51 20.74
C ALA A 153 21.01 7.13 21.98
N TYR A 154 20.20 6.08 21.87
CA TYR A 154 19.36 5.62 22.98
C TYR A 154 20.19 4.89 24.02
N PRO A 155 20.99 3.89 23.60
CA PRO A 155 21.80 3.18 24.58
C PRO A 155 22.44 4.18 25.51
N PHE A 156 23.20 5.11 24.95
CA PHE A 156 23.84 6.16 25.73
C PHE A 156 22.85 6.84 26.69
N LEU A 157 21.78 7.43 26.17
CA LEU A 157 20.80 8.10 27.01
C LEU A 157 20.22 7.18 28.09
N HIS A 158 20.10 5.90 27.78
CA HIS A 158 19.58 4.96 28.77
C HIS A 158 20.54 4.83 29.96
N LEU A 159 21.80 4.47 29.70
CA LEU A 159 22.78 4.36 30.78
C LEU A 159 22.93 5.67 31.57
N THR A 160 22.81 6.80 30.90
CA THR A 160 22.95 8.06 31.60
C THR A 160 21.74 8.26 32.48
N THR A 161 20.62 7.66 32.07
CA THR A 161 19.39 7.78 32.85
C THR A 161 19.56 7.02 34.14
N LYS A 162 20.02 5.77 34.02
CA LYS A 162 20.25 4.92 35.16
C LYS A 162 21.19 5.60 36.14
N LEU A 163 22.26 6.20 35.61
CA LEU A 163 23.25 6.87 36.44
C LEU A 163 22.72 8.08 37.18
N ILE A 164 21.66 8.69 36.67
CA ILE A 164 21.10 9.87 37.34
C ILE A 164 20.21 9.42 38.49
N MET A 165 19.38 8.43 38.22
CA MET A 165 18.48 7.87 39.23
C MET A 165 19.28 7.29 40.41
N GLU A 166 20.43 6.72 40.12
CA GLU A 166 21.28 6.14 41.16
C GLU A 166 21.73 7.27 42.07
N LEU A 167 22.11 8.39 41.47
CA LEU A 167 22.55 9.55 42.24
C LEU A 167 21.39 10.02 43.11
N ALA A 168 20.26 10.28 42.47
CA ALA A 168 19.05 10.75 43.16
C ALA A 168 18.78 10.02 44.47
N VAL A 169 18.59 8.70 44.38
CA VAL A 169 18.33 7.89 45.57
C VAL A 169 19.41 8.10 46.63
N ASN A 170 20.68 8.03 46.23
CA ASN A 170 21.78 8.21 47.18
C ASN A 170 21.58 9.48 47.98
N SER A 171 21.30 10.57 47.28
CA SER A 171 21.08 11.87 47.91
C SER A 171 19.67 12.39 47.63
N SER B 1 32.32 41.11 13.02
CA SER B 1 33.03 41.39 11.78
C SER B 1 33.66 40.14 11.15
N LEU B 2 33.52 38.99 11.80
CA LEU B 2 34.07 37.75 11.25
C LEU B 2 33.03 36.88 10.57
N MET B 3 32.69 37.27 9.35
CA MET B 3 31.72 36.53 8.55
C MET B 3 32.49 35.69 7.54
N VAL B 4 32.17 34.41 7.49
CA VAL B 4 32.86 33.50 6.58
C VAL B 4 32.33 33.50 5.15
N PRO B 5 33.23 33.67 4.18
CA PRO B 5 32.92 33.70 2.75
C PRO B 5 32.30 32.39 2.26
N VAL B 6 31.10 32.49 1.71
CA VAL B 6 30.38 31.33 1.17
C VAL B 6 29.97 31.64 -0.25
N GLU B 7 29.87 30.62 -1.09
CA GLU B 7 29.46 30.82 -2.47
C GLU B 7 28.22 29.99 -2.80
N ILE B 8 27.16 30.66 -3.24
CA ILE B 8 25.93 29.97 -3.59
C ILE B 8 25.87 29.91 -5.11
N ARG B 9 25.43 28.79 -5.65
CA ARG B 9 25.40 28.60 -7.09
C ARG B 9 24.09 28.05 -7.64
N TRP B 10 23.82 28.38 -8.91
CA TRP B 10 22.63 27.90 -9.60
C TRP B 10 23.06 27.34 -10.96
N GLN B 11 22.50 26.20 -11.35
CA GLN B 11 22.86 25.55 -12.62
C GLN B 11 21.68 24.91 -13.34
N GLN B 12 20.47 25.39 -13.11
CA GLN B 12 19.36 24.78 -13.80
C GLN B 12 18.58 25.67 -14.78
N GLY B 13 19.26 26.62 -15.42
CA GLY B 13 18.57 27.48 -16.38
C GLY B 13 18.25 28.90 -15.95
N GLY B 14 17.89 29.74 -16.92
CA GLY B 14 17.54 31.13 -16.64
C GLY B 14 18.44 32.22 -17.19
N SER B 15 17.96 33.44 -17.10
CA SER B 15 18.74 34.58 -17.58
C SER B 15 18.98 35.46 -16.40
N LYS B 16 17.98 35.53 -15.53
CA LYS B 16 18.06 36.35 -14.33
C LYS B 16 17.84 35.50 -13.10
N VAL B 17 18.85 35.46 -12.22
CA VAL B 17 18.79 34.68 -11.00
C VAL B 17 19.08 35.52 -9.76
N TYR B 18 18.34 35.24 -8.71
CA TYR B 18 18.47 35.95 -7.44
C TYR B 18 18.36 34.99 -6.26
N VAL B 19 18.97 35.36 -5.13
CA VAL B 19 18.86 34.55 -3.92
C VAL B 19 18.23 35.35 -2.81
N THR B 20 17.54 34.62 -1.94
CA THR B 20 16.90 35.20 -0.78
C THR B 20 16.80 34.08 0.23
N GLY B 21 16.74 34.48 1.50
CA GLY B 21 16.61 33.53 2.56
C GLY B 21 16.82 34.22 3.89
N SER B 22 16.96 33.42 4.94
CA SER B 22 17.15 33.90 6.29
C SER B 22 18.17 35.05 6.39
N PHE B 23 19.28 34.95 5.68
CA PHE B 23 20.30 35.99 5.75
C PHE B 23 19.86 37.33 5.16
N THR B 24 18.61 37.41 4.71
CA THR B 24 18.07 38.64 4.12
C THR B 24 16.67 38.90 4.70
N LYS B 25 16.24 38.02 5.59
CA LYS B 25 14.93 38.11 6.21
C LYS B 25 13.88 37.82 5.14
N TRP B 26 14.33 37.24 4.04
CA TRP B 26 13.45 36.91 2.94
C TRP B 26 12.81 38.12 2.34
N ARG B 27 13.43 39.27 2.52
CA ARG B 27 12.88 40.50 1.97
C ARG B 27 13.97 41.31 1.27
N LYS B 28 14.42 40.78 0.14
CA LYS B 28 15.47 41.39 -0.68
C LYS B 28 16.30 40.32 -1.36
N MET B 29 16.52 40.47 -2.66
CA MET B 29 17.29 39.49 -3.38
C MET B 29 18.72 39.95 -3.59
N ILE B 30 19.59 39.00 -3.85
CA ILE B 30 20.97 39.29 -4.16
C ILE B 30 21.11 38.60 -5.51
N GLY B 31 21.56 39.35 -6.51
CA GLY B 31 21.72 38.74 -7.82
C GLY B 31 22.90 37.79 -7.93
N LEU B 32 22.75 36.80 -8.80
CA LEU B 32 23.81 35.83 -9.05
C LEU B 32 24.43 36.12 -10.41
N ILE B 33 25.75 36.19 -10.46
CA ILE B 33 26.45 36.47 -11.70
C ILE B 33 26.68 35.19 -12.50
N PRO B 34 26.64 35.29 -13.84
CA PRO B 34 26.85 34.17 -14.77
C PRO B 34 28.28 33.59 -14.68
N ASP B 35 28.40 32.28 -14.88
CA ASP B 35 29.68 31.61 -14.83
C ASP B 35 30.56 31.88 -16.03
N SER B 36 31.49 32.82 -15.86
CA SER B 36 32.46 33.21 -16.88
C SER B 36 32.67 32.08 -17.88
N ASP B 37 32.85 30.86 -17.37
CA ASP B 37 33.04 29.71 -18.24
C ASP B 37 31.72 29.01 -18.45
N ASN B 38 31.43 28.01 -17.61
CA ASN B 38 30.20 27.24 -17.70
C ASN B 38 28.96 28.09 -18.04
N ASN B 39 28.19 27.65 -19.04
CA ASN B 39 26.97 28.35 -19.42
C ASN B 39 25.79 27.63 -18.83
N GLY B 40 24.82 28.41 -18.32
CA GLY B 40 23.64 27.84 -17.71
C GLY B 40 23.81 27.84 -16.21
N SER B 41 24.96 28.33 -15.75
CA SER B 41 25.27 28.39 -14.33
C SER B 41 25.57 29.79 -13.84
N PHE B 42 25.14 30.07 -12.61
CA PHE B 42 25.36 31.36 -12.00
C PHE B 42 25.94 31.09 -10.65
N HIS B 43 26.46 32.14 -10.01
CA HIS B 43 27.07 32.02 -8.70
C HIS B 43 27.13 33.41 -8.07
N VAL B 44 27.53 33.47 -6.80
CA VAL B 44 27.69 34.75 -6.11
C VAL B 44 28.41 34.52 -4.79
N LYS B 45 29.35 35.40 -4.48
CA LYS B 45 30.10 35.27 -3.25
C LYS B 45 29.57 36.21 -2.18
N LEU B 46 29.15 35.62 -1.07
CA LEU B 46 28.61 36.36 0.07
C LEU B 46 29.39 35.93 1.30
N ARG B 47 29.39 36.74 2.34
CA ARG B 47 30.11 36.38 3.55
C ARG B 47 29.12 36.25 4.69
N LEU B 48 28.40 35.14 4.71
CA LEU B 48 27.40 34.87 5.73
C LEU B 48 28.00 34.74 7.13
N LEU B 49 27.12 34.75 8.12
CA LEU B 49 27.49 34.62 9.53
C LEU B 49 27.55 33.12 9.83
N PRO B 50 28.32 32.71 10.83
CA PRO B 50 28.38 31.27 11.11
C PRO B 50 27.01 30.73 11.49
N GLY B 51 26.73 29.48 11.11
CA GLY B 51 25.45 28.89 11.46
C GLY B 51 24.69 28.36 10.28
N THR B 52 23.42 28.04 10.47
CA THR B 52 22.60 27.54 9.37
C THR B 52 21.78 28.67 8.75
N HIS B 53 21.81 28.72 7.43
CA HIS B 53 21.09 29.71 6.66
C HIS B 53 20.17 29.03 5.64
N ARG B 54 18.90 29.41 5.63
CA ARG B 54 17.94 28.83 4.67
C ARG B 54 17.80 29.80 3.49
N PHE B 55 17.55 29.25 2.30
CA PHE B 55 17.37 30.10 1.11
C PHE B 55 16.68 29.39 -0.05
N ARG B 56 16.32 30.20 -1.05
CA ARG B 56 15.66 29.78 -2.29
C ARG B 56 16.11 30.75 -3.36
N PHE B 57 15.89 30.38 -4.61
CA PHE B 57 16.28 31.25 -5.71
C PHE B 57 15.07 31.80 -6.48
N ILE B 58 15.28 32.93 -7.12
CA ILE B 58 14.25 33.52 -7.96
C ILE B 58 14.87 33.47 -9.35
N VAL B 59 14.36 32.55 -10.15
CA VAL B 59 14.88 32.38 -11.49
C VAL B 59 13.84 32.91 -12.47
N ASP B 60 14.19 34.02 -13.11
CA ASP B 60 13.30 34.66 -14.06
C ASP B 60 11.88 34.80 -13.49
N ASN B 61 11.81 35.40 -12.29
CA ASN B 61 10.56 35.66 -11.59
C ASN B 61 9.80 34.47 -11.00
N GLU B 62 10.32 33.26 -11.16
CA GLU B 62 9.66 32.09 -10.57
C GLU B 62 10.44 31.68 -9.33
N LEU B 63 9.75 31.21 -8.29
CA LEU B 63 10.46 30.79 -7.08
C LEU B 63 10.94 29.36 -7.28
N ARG B 64 12.20 29.10 -6.93
CA ARG B 64 12.80 27.78 -7.13
C ARG B 64 13.74 27.26 -6.04
N VAL B 65 13.91 25.95 -5.98
CA VAL B 65 14.84 25.37 -5.03
C VAL B 65 15.78 24.47 -5.82
N SER B 66 17.07 24.73 -5.72
CA SER B 66 18.08 23.95 -6.44
C SER B 66 18.06 22.47 -6.12
N ASP B 67 18.10 21.64 -7.16
CA ASP B 67 18.09 20.20 -6.95
C ASP B 67 19.46 19.62 -6.64
N PHE B 68 20.49 20.44 -6.82
CA PHE B 68 21.83 19.96 -6.59
C PHE B 68 22.39 20.61 -5.35
N LEU B 69 21.48 20.88 -4.42
CA LEU B 69 21.86 21.48 -3.16
C LEU B 69 21.07 20.83 -2.04
N PRO B 70 21.62 20.88 -0.82
CA PRO B 70 20.92 20.30 0.32
C PRO B 70 19.57 20.99 0.50
N THR B 71 18.52 20.22 0.66
CA THR B 71 17.19 20.79 0.87
C THR B 71 16.63 20.40 2.24
N ALA B 72 15.68 21.18 2.74
CA ALA B 72 15.05 20.91 4.02
C ALA B 72 13.74 21.68 4.12
N THR B 73 12.87 21.26 5.00
CA THR B 73 11.62 21.97 5.19
C THR B 73 11.79 22.93 6.36
N ASP B 74 10.89 23.89 6.42
CA ASP B 74 10.88 24.90 7.46
C ASP B 74 9.99 24.30 8.55
N GLN B 75 9.76 25.04 9.63
CA GLN B 75 8.88 24.54 10.69
C GLN B 75 7.51 24.35 10.06
N MET B 76 7.08 25.37 9.33
CA MET B 76 5.80 25.36 8.65
C MET B 76 5.66 24.27 7.60
N GLY B 77 6.72 24.06 6.82
CA GLY B 77 6.70 23.05 5.78
C GLY B 77 7.23 23.62 4.47
N ASN B 78 7.80 24.82 4.55
CA ASN B 78 8.34 25.47 3.37
C ASN B 78 9.64 24.80 2.89
N PHE B 79 9.57 24.15 1.72
CA PHE B 79 10.72 23.48 1.11
C PHE B 79 11.76 24.53 0.68
N VAL B 80 13.01 24.35 1.07
CA VAL B 80 14.08 25.31 0.73
C VAL B 80 15.44 24.62 0.57
N ASN B 81 16.46 25.43 0.31
CA ASN B 81 17.84 24.96 0.20
C ASN B 81 18.51 25.57 1.45
N TYR B 82 19.57 24.94 1.94
CA TYR B 82 20.25 25.49 3.11
C TYR B 82 21.71 25.12 3.07
N ILE B 83 22.51 25.81 3.86
CA ILE B 83 23.91 25.47 3.95
C ILE B 83 24.38 25.83 5.36
N GLU B 84 25.16 24.93 5.93
CA GLU B 84 25.69 25.13 7.26
C GLU B 84 27.06 25.78 7.14
N VAL B 85 27.23 26.94 7.76
CA VAL B 85 28.51 27.64 7.74
C VAL B 85 29.22 27.45 9.08
N ARG B 86 30.49 27.07 9.02
CA ARG B 86 31.26 26.80 10.22
C ARG B 86 32.35 27.84 10.49
N GLN B 87 33.21 27.53 11.46
CA GLN B 87 34.30 28.42 11.85
C GLN B 87 35.21 28.71 10.66
N THR B 146 39.81 0.01 36.40
CA THR B 146 39.81 0.18 37.85
C THR B 146 38.44 0.48 38.44
N THR B 147 38.17 -0.16 39.58
CA THR B 147 36.90 -0.03 40.31
C THR B 147 37.10 0.74 41.62
N ASP B 148 38.28 1.33 41.78
CA ASP B 148 38.58 2.04 43.00
C ASP B 148 38.44 3.54 42.94
N ILE B 149 37.47 4.07 43.68
CA ILE B 149 37.23 5.50 43.71
C ILE B 149 38.42 6.18 44.38
N PRO B 150 39.05 7.14 43.69
CA PRO B 150 40.19 7.78 44.36
C PRO B 150 39.77 8.35 45.72
N ALA B 151 40.59 8.08 46.74
CA ALA B 151 40.34 8.50 48.12
C ALA B 151 40.05 9.99 48.33
N VAL B 152 40.54 10.83 47.42
CA VAL B 152 40.33 12.27 47.50
C VAL B 152 38.86 12.62 47.42
N PHE B 153 38.04 11.64 47.05
CA PHE B 153 36.60 11.85 46.96
C PHE B 153 35.86 11.00 47.98
N THR B 154 36.61 10.18 48.73
CA THR B 154 36.03 9.31 49.74
C THR B 154 36.53 9.58 51.16
N ASP B 155 37.80 9.28 51.41
CA ASP B 155 38.42 9.45 52.73
C ASP B 155 38.46 10.92 53.19
N PRO B 156 37.77 11.23 54.30
CA PRO B 156 37.77 12.62 54.80
C PRO B 156 39.16 13.14 55.14
N SER B 157 40.03 12.25 55.58
CA SER B 157 41.37 12.68 55.94
C SER B 157 42.04 13.28 54.71
N VAL B 158 41.89 12.64 53.56
CA VAL B 158 42.51 13.13 52.33
C VAL B 158 41.76 14.36 51.76
N MET B 159 40.54 14.59 52.25
CA MET B 159 39.72 15.72 51.83
C MET B 159 40.09 17.00 52.60
N GLU B 160 40.27 16.89 53.91
CA GLU B 160 40.65 18.03 54.74
C GLU B 160 42.02 18.57 54.33
N ARG B 161 42.79 17.72 53.65
CA ARG B 161 44.11 18.11 53.19
C ARG B 161 43.92 18.85 51.88
N TYR B 162 42.82 18.53 51.19
CA TYR B 162 42.50 19.18 49.95
C TYR B 162 42.23 20.65 50.30
N TYR B 163 41.24 20.87 51.15
CA TYR B 163 40.87 22.20 51.56
C TYR B 163 42.02 23.03 52.17
N TYR B 164 43.03 22.35 52.73
CA TYR B 164 44.18 23.02 53.33
C TYR B 164 45.06 23.63 52.23
N THR B 165 45.39 22.84 51.22
CA THR B 165 46.20 23.31 50.10
C THR B 165 45.39 24.23 49.19
N LEU B 166 44.07 24.08 49.23
CA LEU B 166 43.15 24.88 48.42
C LEU B 166 42.96 26.29 48.93
N ASP B 167 42.57 26.41 50.18
CA ASP B 167 42.35 27.72 50.78
C ASP B 167 43.65 28.37 51.23
N ARG B 168 44.76 27.97 50.61
CA ARG B 168 46.07 28.54 50.92
C ARG B 168 46.52 29.38 49.74
N PRO B 180 37.76 23.13 39.78
CA PRO B 180 37.38 22.70 38.43
C PRO B 180 37.52 23.83 37.42
N PRO B 181 37.66 23.48 36.13
CA PRO B 181 37.80 24.50 35.08
C PRO B 181 36.54 25.31 34.85
N GLN B 182 36.70 26.40 34.09
CA GLN B 182 35.59 27.27 33.76
C GLN B 182 34.72 26.60 32.70
N LEU B 183 33.41 26.70 32.89
CA LEU B 183 32.45 26.12 31.96
C LEU B 183 32.50 26.89 30.67
N PRO B 184 33.13 26.33 29.62
CA PRO B 184 33.23 27.02 28.33
C PRO B 184 31.86 27.55 27.87
N PRO B 185 31.85 28.73 27.22
CA PRO B 185 30.63 29.38 26.73
C PRO B 185 29.55 28.40 26.28
N GLN B 186 29.99 27.29 25.70
CA GLN B 186 29.10 26.24 25.21
C GLN B 186 28.31 25.59 26.35
N HIS B 215 23.35 22.18 16.46
CA HIS B 215 24.64 22.84 16.33
C HIS B 215 25.71 21.82 15.94
N VAL B 216 26.97 22.26 15.87
CA VAL B 216 28.07 21.38 15.50
C VAL B 216 28.96 21.04 16.70
N VAL B 217 28.62 21.58 17.86
CA VAL B 217 29.43 21.35 19.04
C VAL B 217 28.72 20.58 20.16
N LEU B 218 27.84 19.64 19.79
CA LEU B 218 27.13 18.84 20.78
C LEU B 218 26.85 17.38 20.42
N ASN B 219 26.78 16.56 21.46
CA ASN B 219 26.54 15.11 21.41
C ASN B 219 26.63 14.70 22.89
N HIS B 220 26.33 15.67 23.73
CA HIS B 220 26.37 15.54 25.18
C HIS B 220 25.02 15.16 25.75
N LEU B 221 24.81 15.55 27.00
CA LEU B 221 23.58 15.24 27.69
C LEU B 221 22.83 16.51 28.04
N VAL B 222 21.56 16.53 27.70
CA VAL B 222 20.71 17.65 28.03
C VAL B 222 19.63 17.06 28.93
N THR B 223 19.49 17.66 30.10
CA THR B 223 18.51 17.20 31.07
C THR B 223 17.51 18.30 31.33
N SER B 224 16.45 17.97 32.06
CA SER B 224 15.41 18.91 32.41
C SER B 224 14.89 18.54 33.80
N SER B 225 14.11 19.43 34.41
CA SER B 225 13.57 19.22 35.74
C SER B 225 12.58 18.04 35.77
N ILE B 226 12.86 17.07 36.64
CA ILE B 226 11.99 15.90 36.79
C ILE B 226 10.58 16.34 37.16
N LYS B 227 9.66 16.30 36.19
CA LYS B 227 8.29 16.74 36.43
C LYS B 227 7.42 15.76 37.22
N HIS B 228 7.29 14.52 36.74
CA HIS B 228 6.50 13.53 37.46
C HIS B 228 7.35 12.31 37.76
N ASN B 229 6.70 11.20 38.11
CA ASN B 229 7.42 9.97 38.41
C ASN B 229 8.39 9.63 37.27
N THR B 230 8.36 10.45 36.21
CA THR B 230 9.21 10.19 35.06
C THR B 230 10.31 11.23 34.80
N LEU B 231 11.42 10.76 34.20
CA LEU B 231 12.58 11.60 33.89
C LEU B 231 12.72 11.91 32.38
N CYS B 232 13.06 13.16 32.07
CA CYS B 232 13.19 13.61 30.68
C CYS B 232 14.66 13.88 30.35
N VAL B 233 15.22 13.06 29.47
CA VAL B 233 16.63 13.19 29.07
C VAL B 233 16.78 13.24 27.55
N ALA B 234 17.82 13.89 27.06
CA ALA B 234 18.00 14.01 25.61
C ALA B 234 19.40 14.32 25.15
N SER B 235 19.69 13.94 23.91
CA SER B 235 21.01 14.22 23.34
C SER B 235 20.84 14.62 21.88
N ILE B 236 21.68 15.56 21.43
CA ILE B 236 21.63 16.05 20.06
C ILE B 236 22.54 15.21 19.19
N VAL B 237 21.94 14.60 18.18
CA VAL B 237 22.65 13.72 17.27
C VAL B 237 22.63 14.23 15.84
N ARG B 238 23.61 13.81 15.05
CA ARG B 238 23.68 14.22 13.66
C ARG B 238 23.28 13.05 12.76
N TYR B 239 22.44 13.31 11.77
CA TYR B 239 22.03 12.28 10.82
C TYR B 239 22.23 12.85 9.41
N LYS B 240 23.28 12.40 8.75
CA LYS B 240 23.68 12.87 7.43
C LYS B 240 24.07 14.33 7.62
N GLN B 241 23.36 15.27 7.02
CA GLN B 241 23.74 16.65 7.22
C GLN B 241 22.73 17.39 8.10
N LYS B 242 21.81 16.64 8.69
CA LYS B 242 20.78 17.22 9.54
C LYS B 242 20.89 16.78 11.01
N TYR B 243 20.30 17.55 11.91
CA TYR B 243 20.36 17.26 13.35
C TYR B 243 19.05 16.85 14.01
N VAL B 244 19.12 15.82 14.86
CA VAL B 244 17.94 15.38 15.58
C VAL B 244 18.18 15.44 17.07
N THR B 245 17.25 16.07 17.79
CA THR B 245 17.37 16.14 19.24
C THR B 245 16.53 14.97 19.71
N GLN B 246 17.21 13.91 20.15
CA GLN B 246 16.53 12.70 20.62
C GLN B 246 16.22 12.92 22.09
N ILE B 247 14.96 12.76 22.44
CA ILE B 247 14.53 12.93 23.83
C ILE B 247 13.97 11.63 24.32
N LEU B 248 14.58 11.10 25.37
CA LEU B 248 14.15 9.85 25.99
C LEU B 248 13.36 10.08 27.29
N TYR B 249 12.14 9.58 27.36
CA TYR B 249 11.33 9.75 28.58
C TYR B 249 11.37 8.42 29.31
N THR B 250 11.85 8.45 30.55
CA THR B 250 11.95 7.22 31.33
C THR B 250 11.36 7.30 32.73
N PRO B 251 10.61 6.28 33.13
CA PRO B 251 9.99 6.23 34.46
C PRO B 251 11.04 6.03 35.57
N ILE B 252 11.08 6.97 36.51
CA ILE B 252 12.02 6.91 37.62
C ILE B 252 12.02 5.56 38.34
N SER C 1 -14.51 24.91 -19.63
CA SER C 1 -15.00 23.68 -20.24
C SER C 1 -14.45 22.46 -19.50
N GLN C 2 -15.33 21.50 -19.19
CA GLN C 2 -14.91 20.31 -18.46
C GLN C 2 -13.61 19.69 -18.94
N GLU C 3 -13.54 19.33 -20.21
CA GLU C 3 -12.32 18.71 -20.73
C GLU C 3 -11.07 19.55 -20.63
N LYS C 4 -11.20 20.88 -20.59
CA LYS C 4 -10.02 21.71 -20.45
C LYS C 4 -9.57 21.63 -19.00
N VAL C 5 -10.55 21.49 -18.10
CA VAL C 5 -10.28 21.38 -16.68
C VAL C 5 -9.67 20.01 -16.36
N SER C 6 -10.11 18.98 -17.08
CA SER C 6 -9.61 17.61 -16.90
C SER C 6 -8.13 17.47 -17.23
N ILE C 7 -7.74 18.08 -18.34
CA ILE C 7 -6.37 18.04 -18.80
C ILE C 7 -5.47 18.83 -17.88
N GLU C 8 -5.99 19.93 -17.34
CA GLU C 8 -5.20 20.75 -16.46
C GLU C 8 -5.01 20.04 -15.12
N GLN C 9 -5.98 19.22 -14.75
CA GLN C 9 -5.89 18.48 -13.51
C GLN C 9 -4.97 17.27 -13.61
N GLN C 10 -5.05 16.52 -14.70
CA GLN C 10 -4.21 15.34 -14.87
C GLN C 10 -2.75 15.71 -15.02
N LEU C 11 -2.50 16.89 -15.56
CA LEU C 11 -1.13 17.34 -15.73
C LEU C 11 -0.58 17.69 -14.36
N ALA C 12 -1.35 18.51 -13.66
CA ALA C 12 -0.98 18.97 -12.34
C ALA C 12 -0.70 17.79 -11.43
N VAL C 13 -1.49 16.74 -11.56
CA VAL C 13 -1.32 15.57 -10.74
C VAL C 13 -0.03 14.80 -11.06
N GLU C 14 0.23 14.56 -12.35
CA GLU C 14 1.43 13.85 -12.76
C GLU C 14 2.66 14.60 -12.28
N SER C 15 2.56 15.93 -12.28
CA SER C 15 3.65 16.78 -11.85
C SER C 15 3.99 16.52 -10.38
N ILE C 16 2.96 16.51 -9.53
CA ILE C 16 3.11 16.28 -8.11
C ILE C 16 3.73 14.90 -7.87
N ARG C 17 3.34 13.94 -8.70
CA ARG C 17 3.89 12.59 -8.60
C ARG C 17 5.37 12.60 -8.96
N LYS C 18 5.73 13.39 -9.98
CA LYS C 18 7.11 13.48 -10.41
C LYS C 18 7.94 14.11 -9.29
N PHE C 19 7.29 14.94 -8.48
CA PHE C 19 7.93 15.61 -7.36
C PHE C 19 8.26 14.62 -6.26
N LEU C 20 7.23 13.89 -5.84
CA LEU C 20 7.29 12.90 -4.78
C LEU C 20 8.16 11.67 -5.13
N ASN C 21 8.45 11.49 -6.41
CA ASN C 21 9.27 10.36 -6.80
C ASN C 21 10.71 10.77 -6.85
N SER C 22 10.94 12.07 -6.85
CA SER C 22 12.29 12.64 -6.92
C SER C 22 12.88 13.03 -5.57
N LYS C 23 12.06 13.25 -4.56
CA LYS C 23 12.60 13.62 -3.26
C LYS C 23 12.44 12.49 -2.24
N THR C 24 13.36 12.47 -1.29
CA THR C 24 13.35 11.46 -0.25
C THR C 24 12.77 12.07 1.01
N SER C 25 12.34 11.23 1.94
CA SER C 25 11.81 11.71 3.21
C SER C 25 12.94 12.53 3.85
N TYR C 26 14.16 12.05 3.72
CA TYR C 26 15.28 12.77 4.28
C TYR C 26 15.27 14.20 3.74
N ASP C 27 15.15 14.35 2.43
CA ASP C 27 15.14 15.68 1.82
C ASP C 27 14.07 16.63 2.40
N VAL C 28 12.97 16.06 2.86
CA VAL C 28 11.86 16.81 3.42
C VAL C 28 11.88 17.14 4.93
N LEU C 29 12.83 16.59 5.68
CA LEU C 29 12.94 16.83 7.12
C LEU C 29 13.58 18.17 7.37
N PRO C 30 13.33 18.77 8.54
CA PRO C 30 13.91 20.06 8.88
C PRO C 30 15.44 19.88 9.11
N VAL C 31 16.18 20.98 9.09
CA VAL C 31 17.62 20.96 9.31
C VAL C 31 17.93 20.68 10.77
N SER C 32 16.91 20.72 11.59
CA SER C 32 17.07 20.50 13.01
C SER C 32 15.68 20.34 13.61
N TYR C 33 15.37 19.15 14.11
CA TYR C 33 14.08 18.87 14.69
C TYR C 33 14.21 18.00 15.93
N ARG C 34 13.10 17.54 16.46
CA ARG C 34 13.16 16.73 17.66
C ARG C 34 12.31 15.49 17.61
N LEU C 35 12.80 14.42 18.23
CA LEU C 35 12.08 13.16 18.26
C LEU C 35 11.85 12.75 19.72
N ILE C 36 10.62 12.44 20.07
CA ILE C 36 10.29 12.07 21.42
C ILE C 36 10.05 10.59 21.49
N VAL C 37 10.93 9.91 22.20
CA VAL C 37 10.77 8.47 22.33
C VAL C 37 10.41 8.14 23.77
N LEU C 38 9.59 7.12 23.94
CA LEU C 38 9.12 6.70 25.26
C LEU C 38 9.59 5.30 25.63
N ASP C 39 10.19 5.18 26.83
CA ASP C 39 10.67 3.89 27.30
C ASP C 39 9.51 2.93 27.56
N THR C 40 9.62 1.74 26.99
CA THR C 40 8.61 0.71 27.12
C THR C 40 8.11 0.51 28.57
N SER C 41 9.00 0.75 29.52
CA SER C 41 8.67 0.58 30.92
C SER C 41 7.71 1.66 31.44
N LEU C 42 7.65 2.79 30.76
CA LEU C 42 6.80 3.90 31.19
C LEU C 42 5.34 3.45 31.34
N LEU C 43 4.66 4.10 32.28
CA LEU C 43 3.25 3.82 32.59
C LEU C 43 2.30 4.39 31.53
N VAL C 44 1.52 3.51 30.90
CA VAL C 44 0.57 3.93 29.88
C VAL C 44 -0.16 5.24 30.19
N LYS C 45 -0.75 5.38 31.38
CA LYS C 45 -1.47 6.60 31.71
C LYS C 45 -0.51 7.75 31.84
N LYS C 46 0.76 7.43 32.09
CA LYS C 46 1.81 8.43 32.27
C LYS C 46 2.26 8.91 30.90
N SER C 47 2.15 8.01 29.92
CA SER C 47 2.54 8.31 28.56
C SER C 47 1.48 9.17 27.91
N LEU C 48 0.28 9.13 28.49
CA LEU C 48 -0.82 9.93 27.97
C LEU C 48 -0.51 11.38 28.30
N ASN C 49 0.15 11.59 29.43
CA ASN C 49 0.54 12.91 29.88
C ASN C 49 1.55 13.50 28.94
N VAL C 50 2.65 12.77 28.71
CA VAL C 50 3.72 13.25 27.84
C VAL C 50 3.23 13.60 26.44
N LEU C 51 2.27 12.85 25.92
CA LEU C 51 1.76 13.15 24.61
C LEU C 51 1.08 14.51 24.64
N LEU C 52 0.02 14.62 25.43
CA LEU C 52 -0.69 15.89 25.55
C LEU C 52 0.27 17.01 25.92
N GLN C 53 1.12 16.74 26.92
CA GLN C 53 2.08 17.74 27.38
C GLN C 53 2.90 18.36 26.26
N ASN C 54 3.35 17.53 25.32
CA ASN C 54 4.15 18.06 24.22
C ASN C 54 3.33 18.24 22.95
N SER C 55 2.01 18.15 23.09
CA SER C 55 1.11 18.31 21.97
C SER C 55 1.50 17.46 20.76
N ILE C 56 1.55 16.15 20.99
CA ILE C 56 1.86 15.19 19.94
C ILE C 56 0.84 14.07 20.13
N VAL C 57 0.58 13.30 19.09
CA VAL C 57 -0.41 12.25 19.19
C VAL C 57 0.14 10.83 19.03
N SER C 58 1.44 10.72 18.83
CA SER C 58 2.06 9.41 18.70
C SER C 58 3.48 9.60 19.10
N ALA C 59 4.17 8.51 19.36
CA ALA C 59 5.57 8.58 19.73
C ALA C 59 6.15 7.19 19.63
N PRO C 60 7.35 7.07 19.10
CA PRO C 60 7.94 5.73 19.00
C PRO C 60 8.37 5.21 20.38
N LEU C 61 8.24 3.90 20.55
CA LEU C 61 8.56 3.22 21.80
C LEU C 61 9.90 2.49 21.71
N TRP C 62 10.71 2.60 22.76
CA TRP C 62 12.00 1.92 22.78
C TRP C 62 12.11 0.94 23.96
N ASP C 63 12.31 -0.33 23.62
CA ASP C 63 12.43 -1.41 24.59
C ASP C 63 13.87 -1.48 25.12
N SER C 64 14.08 -0.99 26.34
CA SER C 64 15.42 -0.98 26.93
C SER C 64 16.00 -2.38 27.16
N LYS C 65 15.14 -3.34 27.45
CA LYS C 65 15.61 -4.70 27.68
C LYS C 65 16.28 -5.28 26.45
N THR C 66 15.81 -4.87 25.28
CA THR C 66 16.35 -5.38 24.03
C THR C 66 17.04 -4.32 23.17
N SER C 67 17.14 -3.11 23.69
CA SER C 67 17.77 -2.02 22.96
C SER C 67 17.27 -1.97 21.51
N ARG C 68 15.96 -1.86 21.35
CA ARG C 68 15.34 -1.82 20.03
C ARG C 68 14.07 -0.97 19.97
N PHE C 69 13.73 -0.56 18.76
CA PHE C 69 12.52 0.21 18.49
C PHE C 69 11.40 -0.80 18.73
N ALA C 70 10.46 -0.44 19.60
CA ALA C 70 9.33 -1.31 19.96
C ALA C 70 8.02 -0.99 19.28
N GLY C 71 8.04 -0.10 18.30
CA GLY C 71 6.81 0.24 17.61
C GLY C 71 6.34 1.67 17.82
N LEU C 72 5.12 1.93 17.37
CA LEU C 72 4.53 3.25 17.50
C LEU C 72 3.37 3.35 18.50
N LEU C 73 3.49 4.26 19.45
CA LEU C 73 2.42 4.48 20.41
C LEU C 73 1.49 5.48 19.74
N THR C 74 0.23 5.11 19.61
CA THR C 74 -0.72 6.01 19.00
C THR C 74 -1.99 6.11 19.82
N THR C 75 -3.10 6.35 19.15
CA THR C 75 -4.37 6.48 19.84
C THR C 75 -5.10 5.16 19.96
N THR C 76 -4.96 4.32 18.93
CA THR C 76 -5.61 3.01 18.92
C THR C 76 -5.20 2.29 20.20
N ASP C 77 -3.92 2.47 20.54
CA ASP C 77 -3.35 1.88 21.75
C ASP C 77 -4.25 2.18 22.95
N PHE C 78 -4.50 3.46 23.21
CA PHE C 78 -5.36 3.82 24.34
C PHE C 78 -6.79 3.31 24.24
N ILE C 79 -7.36 3.37 23.04
CA ILE C 79 -8.71 2.90 22.84
C ILE C 79 -8.80 1.44 23.29
N ASN C 80 -7.82 0.62 22.88
CA ASN C 80 -7.83 -0.79 23.25
C ASN C 80 -7.98 -0.89 24.76
N VAL C 81 -7.14 -0.12 25.46
CA VAL C 81 -7.17 -0.10 26.92
C VAL C 81 -8.58 0.18 27.44
N ILE C 82 -9.23 1.20 26.89
CA ILE C 82 -10.57 1.56 27.30
C ILE C 82 -11.54 0.39 27.16
N GLN C 83 -11.51 -0.31 26.03
CA GLN C 83 -12.41 -1.44 25.84
C GLN C 83 -12.10 -2.57 26.81
N TYR C 84 -10.84 -2.70 27.20
CA TYR C 84 -10.45 -3.75 28.12
C TYR C 84 -11.07 -3.52 29.48
N TYR C 85 -10.63 -2.46 30.15
CA TYR C 85 -11.15 -2.13 31.48
C TYR C 85 -12.67 -2.08 31.45
N PHE C 86 -13.25 -1.71 30.32
CA PHE C 86 -14.70 -1.63 30.22
C PHE C 86 -15.36 -3.01 30.30
N SER C 87 -14.86 -3.95 29.50
CA SER C 87 -15.40 -5.30 29.50
C SER C 87 -14.82 -6.14 30.63
N ASN C 88 -13.85 -5.58 31.35
CA ASN C 88 -13.22 -6.30 32.44
C ASN C 88 -13.06 -5.42 33.68
N PRO C 89 -14.17 -4.89 34.22
CA PRO C 89 -14.04 -4.05 35.43
C PRO C 89 -13.49 -4.86 36.61
N ASP C 90 -13.20 -4.18 37.71
CA ASP C 90 -12.63 -4.83 38.88
C ASP C 90 -11.19 -5.24 38.60
N LYS C 91 -10.69 -4.80 37.45
CA LYS C 91 -9.31 -5.08 37.04
C LYS C 91 -8.62 -3.73 36.87
N PHE C 92 -9.18 -2.71 37.52
CA PHE C 92 -8.63 -1.38 37.44
C PHE C 92 -7.13 -1.40 37.65
N GLU C 93 -6.68 -2.05 38.72
CA GLU C 93 -5.26 -2.10 39.04
C GLU C 93 -4.42 -2.63 37.86
N LEU C 94 -4.98 -3.57 37.10
CA LEU C 94 -4.29 -4.12 35.93
C LEU C 94 -4.23 -3.06 34.83
N VAL C 95 -5.09 -2.05 34.94
CA VAL C 95 -5.11 -0.97 33.96
C VAL C 95 -4.37 0.24 34.47
N ASP C 96 -4.46 0.47 35.78
CA ASP C 96 -3.81 1.61 36.40
C ASP C 96 -2.32 1.40 36.55
N LYS C 97 -1.88 0.14 36.52
CA LYS C 97 -0.46 -0.15 36.63
C LYS C 97 0.11 -0.72 35.33
N LEU C 98 -0.70 -0.70 34.27
CA LEU C 98 -0.28 -1.20 32.97
C LEU C 98 0.81 -0.34 32.37
N GLN C 99 1.82 -1.00 31.81
CA GLN C 99 2.94 -0.31 31.17
C GLN C 99 2.85 -0.41 29.64
N LEU C 100 3.74 0.30 28.96
CA LEU C 100 3.74 0.26 27.50
C LEU C 100 4.08 -1.15 27.01
N ASP C 101 4.93 -1.85 27.77
CA ASP C 101 5.31 -3.21 27.43
C ASP C 101 4.09 -4.11 27.44
N GLY C 102 3.24 -3.91 28.44
CA GLY C 102 2.04 -4.72 28.55
C GLY C 102 0.98 -4.35 27.54
N LEU C 103 1.22 -3.25 26.82
CA LEU C 103 0.27 -2.78 25.83
C LEU C 103 -0.03 -3.86 24.80
N LYS C 104 1.03 -4.44 24.25
CA LYS C 104 0.88 -5.48 23.24
C LYS C 104 0.12 -6.66 23.85
N ASP C 105 0.33 -6.87 25.14
CA ASP C 105 -0.31 -7.96 25.87
C ASP C 105 -1.84 -7.83 25.84
N ILE C 106 -2.35 -6.66 26.21
CA ILE C 106 -3.78 -6.43 26.22
C ILE C 106 -4.35 -6.51 24.82
N GLU C 107 -3.72 -5.80 23.89
CA GLU C 107 -4.17 -5.80 22.49
C GLU C 107 -4.29 -7.24 21.96
N ARG C 108 -3.18 -7.96 21.94
CA ARG C 108 -3.17 -9.33 21.47
C ARG C 108 -4.05 -10.24 22.34
N ALA C 109 -4.62 -9.67 23.38
CA ALA C 109 -5.49 -10.41 24.29
C ALA C 109 -6.91 -10.21 23.80
N LEU C 110 -7.88 -10.18 24.72
CA LEU C 110 -9.27 -9.99 24.34
C LEU C 110 -9.37 -8.92 23.26
N GLY C 111 -9.70 -9.35 22.04
CA GLY C 111 -9.82 -8.44 20.92
C GLY C 111 -8.73 -8.66 19.88
N VAL C 112 -9.08 -8.44 18.62
CA VAL C 112 -8.14 -8.61 17.52
C VAL C 112 -6.90 -7.71 17.68
N ASP C 113 -5.73 -8.34 17.63
CA ASP C 113 -4.45 -7.65 17.79
C ASP C 113 -3.79 -7.17 16.49
N GLN C 114 -3.72 -5.86 16.31
CA GLN C 114 -3.07 -5.34 15.11
C GLN C 114 -1.57 -5.53 15.32
N LEU C 115 -1.03 -6.58 14.73
CA LEU C 115 0.39 -6.86 14.83
C LEU C 115 1.12 -6.41 13.58
N ASP C 116 1.24 -5.09 13.41
CA ASP C 116 1.92 -4.54 12.25
C ASP C 116 2.50 -3.17 12.56
N THR C 117 3.79 -3.00 12.30
CA THR C 117 4.45 -1.72 12.55
C THR C 117 5.37 -1.33 11.39
N ALA C 118 4.77 -0.82 10.32
CA ALA C 118 5.51 -0.38 9.14
C ALA C 118 6.74 0.47 9.48
N SER C 119 7.61 0.63 8.48
CA SER C 119 8.81 1.44 8.62
C SER C 119 9.48 1.52 7.25
N ILE C 120 10.30 2.54 7.04
CA ILE C 120 10.96 2.72 5.78
C ILE C 120 12.29 3.46 5.99
N HIS C 121 13.25 3.28 5.09
CA HIS C 121 14.53 3.97 5.21
C HIS C 121 14.32 5.42 4.74
N PRO C 122 15.03 6.39 5.32
CA PRO C 122 14.95 7.82 4.99
C PRO C 122 15.33 8.21 3.55
N SER C 123 16.10 7.35 2.89
CA SER C 123 16.59 7.62 1.54
C SER C 123 15.66 7.14 0.43
N ARG C 124 14.68 6.33 0.79
CA ARG C 124 13.72 5.89 -0.22
C ARG C 124 12.90 7.12 -0.66
N PRO C 125 12.44 7.12 -1.92
CA PRO C 125 11.66 8.27 -2.38
C PRO C 125 10.35 8.44 -1.61
N LEU C 126 10.05 9.71 -1.32
CA LEU C 126 8.87 10.17 -0.60
C LEU C 126 7.58 9.50 -1.11
N PHE C 127 7.51 9.28 -2.42
CA PHE C 127 6.36 8.62 -3.03
C PHE C 127 6.27 7.22 -2.42
N GLU C 128 7.40 6.58 -2.19
CA GLU C 128 7.38 5.25 -1.61
C GLU C 128 6.93 5.28 -0.14
N ALA C 129 7.24 6.37 0.56
CA ALA C 129 6.84 6.49 1.97
C ALA C 129 5.33 6.64 2.05
N CYS C 130 4.76 7.40 1.12
CA CYS C 130 3.31 7.59 1.11
C CYS C 130 2.56 6.28 0.84
N LEU C 131 3.16 5.38 0.04
CA LEU C 131 2.54 4.10 -0.26
C LEU C 131 2.47 3.21 0.95
N LYS C 132 3.55 3.18 1.74
CA LYS C 132 3.55 2.34 2.92
C LYS C 132 2.54 2.87 3.93
N MET C 133 2.40 4.19 4.00
CA MET C 133 1.45 4.78 4.90
C MET C 133 0.02 4.48 4.47
N LEU C 134 -0.19 4.39 3.16
CA LEU C 134 -1.52 4.10 2.66
C LEU C 134 -2.05 2.73 3.05
N GLU C 135 -1.24 1.97 3.77
CA GLU C 135 -1.64 0.66 4.26
C GLU C 135 -2.05 0.89 5.72
N SER C 136 -1.07 1.23 6.55
CA SER C 136 -1.31 1.49 7.97
C SER C 136 -2.24 2.69 8.17
N ARG C 137 -3.52 2.39 8.42
CA ARG C 137 -4.53 3.41 8.64
C ARG C 137 -4.06 4.48 9.62
N SER C 138 -2.85 4.30 10.16
CA SER C 138 -2.27 5.27 11.08
C SER C 138 -1.90 6.50 10.27
N GLY C 139 -1.69 6.29 8.98
CA GLY C 139 -1.34 7.41 8.13
C GLY C 139 -0.17 8.17 8.74
N ARG C 140 0.88 7.43 9.05
CA ARG C 140 2.10 7.95 9.62
C ARG C 140 3.08 6.81 9.55
N ILE C 141 4.33 7.09 9.22
CA ILE C 141 5.36 6.06 9.12
C ILE C 141 6.71 6.53 9.65
N PRO C 142 7.35 5.72 10.50
CA PRO C 142 8.66 6.11 11.04
C PRO C 142 9.82 5.81 10.10
N LEU C 143 10.72 6.76 9.97
CA LEU C 143 11.89 6.61 9.13
C LEU C 143 12.95 5.93 9.99
N ILE C 144 13.32 4.72 9.61
CA ILE C 144 14.28 3.98 10.39
C ILE C 144 15.52 3.57 9.60
N ASP C 145 16.68 3.82 10.19
CA ASP C 145 17.95 3.49 9.55
C ASP C 145 18.82 2.63 10.48
N GLN C 146 19.03 1.37 10.11
CA GLN C 146 19.87 0.46 10.90
C GLN C 146 21.29 1.02 10.90
N ARG C 152 21.30 -1.79 16.22
CA ARG C 152 21.79 -0.95 15.13
C ARG C 152 20.73 0.07 14.74
N GLU C 153 19.47 -0.33 14.91
CA GLU C 153 18.29 0.46 14.58
C GLU C 153 18.25 1.86 15.21
N ILE C 154 17.67 2.81 14.50
CA ILE C 154 17.54 4.19 14.97
C ILE C 154 16.39 4.93 14.29
N VAL C 155 15.63 5.70 15.06
CA VAL C 155 14.52 6.42 14.49
C VAL C 155 14.90 7.84 14.17
N VAL C 156 14.96 8.14 12.88
CA VAL C 156 15.33 9.47 12.42
C VAL C 156 14.16 10.41 12.59
N SER C 157 12.97 9.89 12.35
CA SER C 157 11.77 10.70 12.44
C SER C 157 10.55 9.88 12.06
N VAL C 158 9.38 10.44 12.34
CA VAL C 158 8.14 9.80 11.97
C VAL C 158 7.54 10.70 10.88
N LEU C 159 6.97 10.10 9.85
CA LEU C 159 6.40 10.88 8.76
C LEU C 159 4.90 10.74 8.74
N THR C 160 4.18 11.86 8.66
CA THR C 160 2.71 11.77 8.62
C THR C 160 2.10 12.13 7.25
N GLN C 161 0.92 11.58 6.99
CA GLN C 161 0.16 11.84 5.77
C GLN C 161 -0.09 13.36 5.71
N TYR C 162 -0.44 13.91 6.87
CA TYR C 162 -0.75 15.32 6.96
C TYR C 162 0.45 16.20 6.61
N ARG C 163 1.62 15.88 7.13
CA ARG C 163 2.80 16.68 6.84
C ARG C 163 3.08 16.65 5.34
N ILE C 164 2.81 15.51 4.70
CA ILE C 164 3.03 15.34 3.27
C ILE C 164 2.04 16.19 2.47
N LEU C 165 0.74 16.00 2.73
CA LEU C 165 -0.27 16.78 2.04
C LEU C 165 -0.02 18.25 2.28
N LYS C 166 0.48 18.57 3.47
CA LYS C 166 0.73 19.98 3.75
C LYS C 166 1.94 20.47 3.04
N PHE C 167 2.85 19.56 2.71
CA PHE C 167 4.08 19.92 2.00
C PHE C 167 3.76 20.24 0.52
N VAL C 168 2.87 19.45 -0.07
CA VAL C 168 2.46 19.62 -1.47
C VAL C 168 1.68 20.91 -1.71
N ALA C 169 0.69 21.12 -0.86
CA ALA C 169 -0.19 22.27 -0.91
C ALA C 169 0.57 23.56 -0.71
N LEU C 170 1.72 23.46 -0.06
CA LEU C 170 2.52 24.63 0.26
C LEU C 170 3.63 24.87 -0.76
N ASN C 171 4.10 23.80 -1.39
CA ASN C 171 5.22 23.93 -2.31
C ASN C 171 4.94 23.59 -3.78
N CYS C 172 3.78 23.00 -4.05
CA CYS C 172 3.42 22.65 -5.41
C CYS C 172 2.29 23.49 -5.94
N ARG C 173 2.64 24.52 -6.68
CA ARG C 173 1.66 25.41 -7.27
C ARG C 173 0.59 24.63 -8.02
N GLU C 174 0.93 23.52 -8.63
CA GLU C 174 -0.06 22.74 -9.36
C GLU C 174 -1.30 22.33 -8.56
N THR C 175 -1.40 22.75 -7.31
CA THR C 175 -2.57 22.39 -6.52
C THR C 175 -3.66 23.39 -6.89
N HIS C 176 -3.22 24.57 -7.31
CA HIS C 176 -4.10 25.62 -7.73
C HIS C 176 -4.87 25.12 -8.95
N PHE C 177 -4.28 24.16 -9.67
CA PHE C 177 -4.92 23.64 -10.88
C PHE C 177 -5.70 22.35 -10.74
N LEU C 178 -6.23 22.07 -9.55
CA LEU C 178 -7.02 20.86 -9.39
C LEU C 178 -8.45 21.31 -9.19
N LYS C 179 -9.09 21.78 -10.27
CA LYS C 179 -10.46 22.29 -10.21
C LYS C 179 -11.61 21.33 -10.47
N ILE C 180 -11.31 20.06 -10.74
CA ILE C 180 -12.37 19.10 -10.97
C ILE C 180 -13.19 18.93 -9.70
N PRO C 181 -14.51 19.17 -9.78
CA PRO C 181 -15.32 19.00 -8.57
C PRO C 181 -15.07 17.63 -7.95
N ILE C 182 -14.84 17.61 -6.64
CA ILE C 182 -14.54 16.39 -5.89
C ILE C 182 -15.53 15.25 -6.06
N GLY C 183 -16.75 15.61 -6.44
CA GLY C 183 -17.75 14.60 -6.67
C GLY C 183 -17.47 13.85 -7.96
N ASP C 184 -16.81 14.53 -8.90
CA ASP C 184 -16.46 13.91 -10.18
C ASP C 184 -15.26 12.99 -10.01
N LEU C 185 -14.54 13.19 -8.91
CA LEU C 185 -13.39 12.38 -8.55
C LEU C 185 -13.98 11.38 -7.58
N ASN C 186 -13.99 10.11 -7.96
CA ASN C 186 -14.57 9.09 -7.10
C ASN C 186 -13.73 8.86 -5.86
N ILE C 187 -13.40 9.92 -5.15
CA ILE C 187 -12.58 9.78 -3.96
C ILE C 187 -13.33 9.78 -2.62
N ILE C 188 -14.51 10.36 -2.61
CA ILE C 188 -15.28 10.43 -1.39
C ILE C 188 -15.65 9.04 -0.90
N THR C 189 -15.48 8.82 0.39
CA THR C 189 -15.85 7.55 1.01
C THR C 189 -17.34 7.71 1.28
N GLN C 190 -18.12 6.68 0.98
CA GLN C 190 -19.56 6.78 1.18
C GLN C 190 -20.06 5.72 2.14
N ASP C 191 -21.11 5.01 1.72
CA ASP C 191 -21.72 3.96 2.51
C ASP C 191 -20.71 3.21 3.39
N ASN C 192 -21.21 2.64 4.48
CA ASN C 192 -20.40 1.88 5.43
C ASN C 192 -19.70 2.77 6.45
N MET C 193 -20.25 3.97 6.67
CA MET C 193 -19.69 4.91 7.64
C MET C 193 -20.62 5.10 8.83
N LYS C 194 -20.26 4.48 9.95
CA LYS C 194 -21.06 4.55 11.17
C LYS C 194 -21.18 5.99 11.68
N SER C 195 -22.33 6.28 12.28
CA SER C 195 -22.63 7.57 12.86
C SER C 195 -23.33 7.31 14.19
N CYS C 196 -23.67 8.37 14.92
CA CYS C 196 -24.39 8.20 16.19
C CYS C 196 -25.15 9.47 16.53
N GLN C 197 -25.81 9.47 17.69
CA GLN C 197 -26.60 10.61 18.15
C GLN C 197 -25.95 11.14 19.41
N MET C 198 -26.18 12.42 19.72
CA MET C 198 -25.60 13.05 20.90
C MET C 198 -25.82 12.26 22.18
N THR C 199 -26.98 11.65 22.28
CA THR C 199 -27.32 10.90 23.47
C THR C 199 -26.61 9.54 23.53
N THR C 200 -26.08 9.09 22.40
CA THR C 200 -25.39 7.82 22.34
C THR C 200 -24.25 7.72 23.36
N PRO C 201 -24.17 6.60 24.10
CA PRO C 201 -23.11 6.38 25.11
C PRO C 201 -21.72 6.35 24.49
N VAL C 202 -20.78 7.07 25.08
CA VAL C 202 -19.43 7.12 24.54
C VAL C 202 -18.75 5.76 24.32
N ILE C 203 -18.88 4.81 25.24
CA ILE C 203 -18.23 3.52 25.02
C ILE C 203 -18.70 2.86 23.74
N ASP C 204 -19.97 3.02 23.40
CA ASP C 204 -20.51 2.45 22.17
C ASP C 204 -19.91 3.14 20.95
N VAL C 205 -19.62 4.44 21.09
CA VAL C 205 -19.02 5.20 20.01
C VAL C 205 -17.57 4.80 19.93
N ILE C 206 -16.92 4.73 21.09
CA ILE C 206 -15.52 4.33 21.17
C ILE C 206 -15.40 2.92 20.55
N GLN C 207 -16.38 2.08 20.84
CA GLN C 207 -16.43 0.71 20.33
C GLN C 207 -16.53 0.74 18.82
N MET C 208 -17.31 1.67 18.30
CA MET C 208 -17.47 1.83 16.87
C MET C 208 -16.12 2.21 16.29
N LEU C 209 -15.38 3.08 16.97
CA LEU C 209 -14.06 3.50 16.50
C LEU C 209 -13.19 2.29 16.20
N THR C 210 -13.06 1.41 17.18
CA THR C 210 -12.28 0.19 17.03
C THR C 210 -12.74 -0.60 15.81
N GLN C 211 -13.89 -1.27 15.98
CA GLN C 211 -14.52 -2.10 14.96
C GLN C 211 -14.32 -1.58 13.54
N GLY C 212 -15.14 -0.61 13.13
CA GLY C 212 -15.03 -0.06 11.80
C GLY C 212 -13.64 0.42 11.44
N ARG C 213 -12.72 0.36 12.41
CA ARG C 213 -11.34 0.78 12.21
C ARG C 213 -11.28 2.13 11.51
N VAL C 214 -11.91 3.13 12.14
CA VAL C 214 -11.96 4.48 11.62
C VAL C 214 -11.54 5.47 12.71
N SER C 215 -11.03 6.63 12.31
CA SER C 215 -10.57 7.65 13.24
C SER C 215 -11.62 8.57 13.84
N SER C 216 -12.80 8.63 13.24
CA SER C 216 -13.83 9.52 13.75
C SER C 216 -15.20 9.01 13.40
N VAL C 217 -16.17 9.32 14.25
CA VAL C 217 -17.56 8.90 14.06
C VAL C 217 -18.43 10.15 14.08
N PRO C 218 -19.10 10.44 12.96
CA PRO C 218 -19.97 11.62 12.90
C PRO C 218 -21.21 11.49 13.77
N ILE C 219 -21.70 12.62 14.27
CA ILE C 219 -22.89 12.62 15.09
C ILE C 219 -23.98 13.37 14.34
N ILE C 220 -25.07 12.68 14.02
CA ILE C 220 -26.20 13.27 13.31
C ILE C 220 -27.45 13.27 14.19
N ASP C 221 -28.57 13.71 13.63
CA ASP C 221 -29.82 13.73 14.40
C ASP C 221 -30.82 12.78 13.75
N GLU C 222 -31.99 12.66 14.37
CA GLU C 222 -33.04 11.78 13.90
C GLU C 222 -32.98 11.68 12.39
N ASN C 223 -32.92 12.85 11.74
CA ASN C 223 -32.82 12.88 10.29
C ASN C 223 -31.38 12.53 9.95
N GLY C 224 -30.66 13.45 9.32
CA GLY C 224 -29.28 13.13 8.99
C GLY C 224 -28.36 14.33 8.99
N TYR C 225 -28.74 15.37 9.73
CA TYR C 225 -27.93 16.58 9.81
C TYR C 225 -26.68 16.35 10.65
N LEU C 226 -25.55 16.75 10.11
CA LEU C 226 -24.30 16.59 10.81
C LEU C 226 -24.21 17.64 11.92
N ILE C 227 -24.19 17.21 13.18
CA ILE C 227 -24.08 18.17 14.29
C ILE C 227 -22.67 18.40 14.80
N ASN C 228 -21.88 17.34 14.84
CA ASN C 228 -20.52 17.44 15.34
C ASN C 228 -19.88 16.09 15.11
N VAL C 229 -18.68 15.89 15.61
CA VAL C 229 -18.02 14.63 15.38
C VAL C 229 -17.15 14.18 16.53
N TYR C 230 -17.15 12.87 16.75
CA TYR C 230 -16.32 12.34 17.82
C TYR C 230 -15.11 11.69 17.17
N GLU C 231 -13.95 12.24 17.47
CA GLU C 231 -12.70 11.74 16.90
C GLU C 231 -11.97 10.86 17.92
N ALA C 232 -11.31 9.82 17.43
CA ALA C 232 -10.55 8.92 18.30
C ALA C 232 -9.67 9.78 19.21
N TYR C 233 -9.22 10.90 18.69
CA TYR C 233 -8.37 11.83 19.44
C TYR C 233 -9.03 12.32 20.72
N ASP C 234 -10.34 12.51 20.68
CA ASP C 234 -11.05 12.98 21.85
C ASP C 234 -10.90 12.02 23.03
N VAL C 235 -10.46 10.80 22.74
CA VAL C 235 -10.27 9.78 23.76
C VAL C 235 -9.16 10.12 24.75
N LEU C 236 -8.07 10.70 24.26
CA LEU C 236 -6.97 11.06 25.17
C LEU C 236 -7.48 11.92 26.32
N GLY C 237 -7.96 13.13 25.99
CA GLY C 237 -8.47 14.02 27.01
C GLY C 237 -9.55 13.38 27.88
N LEU C 238 -10.25 12.39 27.34
CA LEU C 238 -11.30 11.73 28.09
C LEU C 238 -10.77 10.91 29.28
N ILE C 239 -9.48 10.60 29.25
CA ILE C 239 -8.87 9.81 30.32
C ILE C 239 -7.56 10.40 30.81
N LYS C 240 -7.37 11.70 30.59
CA LYS C 240 -6.17 12.45 30.95
C LYS C 240 -5.09 11.71 31.77
N GLY C 241 -5.24 11.68 33.09
CA GLY C 241 -4.26 10.99 33.93
C GLY C 241 -4.88 9.81 34.65
N GLY C 242 -5.69 9.05 33.94
CA GLY C 242 -6.37 7.94 34.55
C GLY C 242 -7.80 8.37 34.79
N ILE C 243 -8.71 7.89 33.95
CA ILE C 243 -10.11 8.21 34.07
C ILE C 243 -10.92 6.99 33.62
N TYR C 244 -12.17 6.93 34.03
CA TYR C 244 -13.03 5.81 33.71
C TYR C 244 -14.43 6.25 34.07
N ASN C 245 -14.49 7.38 34.76
CA ASN C 245 -15.76 7.98 35.18
C ASN C 245 -16.51 8.43 33.93
N ASP C 246 -15.88 9.33 33.20
CA ASP C 246 -16.44 9.88 31.98
C ASP C 246 -16.82 8.78 30.99
N LEU C 247 -16.43 7.55 31.30
CA LEU C 247 -16.74 6.43 30.42
C LEU C 247 -18.24 6.07 30.46
N SER C 248 -18.99 6.73 31.32
CA SER C 248 -20.42 6.47 31.45
C SER C 248 -21.31 7.59 30.88
N LEU C 249 -20.69 8.66 30.37
CA LEU C 249 -21.40 9.79 29.80
C LEU C 249 -21.88 9.49 28.37
N SER C 250 -22.53 10.47 27.75
CA SER C 250 -22.98 10.32 26.37
C SER C 250 -21.93 11.05 25.53
N VAL C 251 -21.85 10.74 24.23
CA VAL C 251 -20.88 11.42 23.38
C VAL C 251 -21.05 12.91 23.56
N GLY C 252 -22.31 13.34 23.51
CA GLY C 252 -22.62 14.74 23.68
C GLY C 252 -21.95 15.35 24.88
N GLU C 253 -22.08 14.70 26.05
CA GLU C 253 -21.47 15.19 27.30
C GLU C 253 -19.95 15.08 27.26
N ALA C 254 -19.49 13.94 26.75
CA ALA C 254 -18.05 13.66 26.63
C ALA C 254 -17.37 14.76 25.84
N LEU C 255 -17.97 15.12 24.70
CA LEU C 255 -17.40 16.15 23.84
C LEU C 255 -17.19 17.49 24.53
N MET C 256 -17.78 17.67 25.71
CA MET C 256 -17.57 18.91 26.44
C MET C 256 -16.21 19.01 27.10
N ARG C 257 -15.39 17.95 27.02
CA ARG C 257 -14.07 18.03 27.60
C ARG C 257 -13.12 18.68 26.59
N ARG C 258 -13.59 18.76 25.35
CA ARG C 258 -12.83 19.34 24.26
C ARG C 258 -12.35 20.74 24.65
N SER C 259 -11.07 20.98 24.42
CA SER C 259 -10.40 22.23 24.72
C SER C 259 -10.97 23.46 24.03
N ASP C 260 -10.91 24.59 24.72
CA ASP C 260 -11.39 25.86 24.19
C ASP C 260 -10.71 26.21 22.89
N ASP C 261 -9.56 25.58 22.63
CA ASP C 261 -8.80 25.87 21.42
C ASP C 261 -9.05 24.92 20.24
N PHE C 262 -10.00 24.01 20.39
CA PHE C 262 -10.40 23.08 19.33
C PHE C 262 -10.85 23.94 18.15
N GLU C 263 -10.27 23.68 16.99
CA GLU C 263 -10.57 24.44 15.76
C GLU C 263 -11.97 24.17 15.20
N GLY C 264 -12.46 22.95 15.35
CA GLY C 264 -13.77 22.60 14.84
C GLY C 264 -13.76 21.57 13.72
N VAL C 265 -14.95 21.12 13.35
CA VAL C 265 -15.13 20.15 12.28
C VAL C 265 -15.31 20.83 10.91
N TYR C 266 -14.62 20.33 9.90
CA TYR C 266 -14.71 20.90 8.56
C TYR C 266 -15.65 20.11 7.66
N THR C 267 -16.42 20.83 6.86
CA THR C 267 -17.29 20.16 5.92
C THR C 267 -17.10 20.82 4.56
N CYS C 268 -17.65 20.18 3.55
CA CYS C 268 -17.60 20.70 2.20
C CYS C 268 -18.69 19.96 1.45
N THR C 269 -18.73 20.14 0.15
CA THR C 269 -19.75 19.47 -0.65
C THR C 269 -19.14 18.78 -1.84
N LYS C 270 -19.99 18.06 -2.56
CA LYS C 270 -19.55 17.36 -3.75
C LYS C 270 -19.00 18.35 -4.76
N ASN C 271 -19.38 19.63 -4.64
CA ASN C 271 -18.90 20.61 -5.60
C ASN C 271 -17.62 21.32 -5.23
N ASP C 272 -17.02 20.94 -4.12
CA ASP C 272 -15.77 21.58 -3.73
C ASP C 272 -14.60 20.96 -4.49
N LYS C 273 -13.57 21.77 -4.72
CA LYS C 273 -12.37 21.34 -5.46
C LYS C 273 -11.15 21.06 -4.57
N LEU C 274 -10.33 20.09 -4.97
CA LEU C 274 -9.13 19.75 -4.21
C LEU C 274 -8.24 20.97 -4.10
N SER C 275 -8.38 21.92 -5.02
CA SER C 275 -7.58 23.15 -4.95
C SER C 275 -7.92 23.80 -3.61
N THR C 276 -9.22 24.06 -3.42
CA THR C 276 -9.70 24.67 -2.19
C THR C 276 -9.33 23.84 -0.95
N ILE C 277 -9.51 22.53 -1.07
CA ILE C 277 -9.22 21.61 0.03
C ILE C 277 -7.75 21.64 0.44
N MET C 278 -6.87 21.62 -0.56
CA MET C 278 -5.45 21.68 -0.30
C MET C 278 -5.17 23.03 0.36
N ASP C 279 -5.85 24.06 -0.12
CA ASP C 279 -5.70 25.41 0.44
C ASP C 279 -5.94 25.46 1.95
N ASN C 280 -6.98 24.75 2.39
CA ASN C 280 -7.36 24.71 3.79
C ASN C 280 -6.47 23.81 4.63
N ILE C 281 -5.79 22.87 3.98
CA ILE C 281 -4.91 21.97 4.69
C ILE C 281 -3.67 22.77 5.07
N ARG C 282 -3.30 23.70 4.19
CA ARG C 282 -2.15 24.57 4.39
C ARG C 282 -2.38 25.57 5.52
N LYS C 283 -3.63 26.01 5.68
CA LYS C 283 -4.00 26.99 6.70
C LYS C 283 -4.38 26.41 8.06
N ALA C 284 -4.60 25.09 8.12
CA ALA C 284 -4.99 24.48 9.38
C ALA C 284 -4.77 22.97 9.48
N ARG C 285 -4.78 22.47 10.71
CA ARG C 285 -4.58 21.06 10.99
C ARG C 285 -5.81 20.23 10.68
N VAL C 286 -6.22 20.19 9.42
CA VAL C 286 -7.39 19.41 9.06
C VAL C 286 -6.93 17.98 8.86
N HIS C 287 -7.82 17.03 9.13
CA HIS C 287 -7.50 15.60 8.97
C HIS C 287 -8.61 14.88 8.23
N ARG C 288 -9.64 15.63 7.86
CA ARG C 288 -10.75 15.05 7.14
C ARG C 288 -11.80 16.14 6.86
N PHE C 289 -12.61 15.91 5.85
CA PHE C 289 -13.65 16.85 5.47
C PHE C 289 -14.95 16.11 5.34
N PHE C 290 -15.89 16.41 6.22
CA PHE C 290 -17.17 15.73 6.15
C PHE C 290 -17.99 16.33 5.02
N VAL C 291 -18.49 15.48 4.14
CA VAL C 291 -19.26 15.93 2.99
C VAL C 291 -20.76 15.95 3.30
N VAL C 292 -21.28 17.16 3.41
CA VAL C 292 -22.68 17.36 3.70
C VAL C 292 -23.34 17.83 2.43
N ASP C 293 -24.66 17.63 2.34
CA ASP C 293 -25.35 18.11 1.16
C ASP C 293 -25.75 19.57 1.34
N ASP C 294 -26.63 20.00 0.46
CA ASP C 294 -27.16 21.35 0.41
C ASP C 294 -27.72 21.89 1.73
N VAL C 295 -28.41 21.04 2.48
CA VAL C 295 -28.98 21.46 3.76
C VAL C 295 -28.11 21.10 4.96
N GLY C 296 -27.09 20.29 4.74
CA GLY C 296 -26.23 19.90 5.84
C GLY C 296 -26.44 18.47 6.30
N ARG C 297 -26.80 17.58 5.39
CA ARG C 297 -26.99 16.19 5.77
C ARG C 297 -25.74 15.42 5.33
N LEU C 298 -25.23 14.59 6.24
CA LEU C 298 -24.03 13.82 5.97
C LEU C 298 -24.16 12.96 4.73
N VAL C 299 -23.26 13.16 3.77
CA VAL C 299 -23.23 12.37 2.55
C VAL C 299 -22.04 11.42 2.62
N GLY C 300 -20.88 11.95 3.01
CA GLY C 300 -19.71 11.10 3.14
C GLY C 300 -18.54 11.71 3.90
N VAL C 301 -17.35 11.28 3.53
CA VAL C 301 -16.13 11.76 4.16
C VAL C 301 -14.97 11.75 3.17
N LEU C 302 -14.11 12.74 3.29
CA LEU C 302 -12.95 12.86 2.45
C LEU C 302 -11.79 12.86 3.41
N THR C 303 -11.07 11.75 3.43
CA THR C 303 -9.94 11.61 4.31
C THR C 303 -8.64 12.11 3.69
N LEU C 304 -7.62 12.29 4.52
CA LEU C 304 -6.32 12.70 4.03
C LEU C 304 -5.88 11.53 3.15
N SER C 305 -6.15 10.32 3.62
CA SER C 305 -5.84 9.08 2.88
C SER C 305 -6.48 9.10 1.52
N ASP C 306 -7.77 9.38 1.48
CA ASP C 306 -8.48 9.45 0.21
C ASP C 306 -7.79 10.45 -0.71
N ILE C 307 -7.45 11.62 -0.15
CA ILE C 307 -6.81 12.64 -0.92
C ILE C 307 -5.42 12.22 -1.38
N LEU C 308 -4.64 11.70 -0.43
CA LEU C 308 -3.28 11.25 -0.74
C LEU C 308 -3.35 10.11 -1.77
N LYS C 309 -4.30 9.21 -1.60
CA LYS C 309 -4.47 8.11 -2.51
C LYS C 309 -4.82 8.64 -3.93
N TYR C 310 -5.61 9.71 -3.98
CA TYR C 310 -5.95 10.28 -5.28
C TYR C 310 -4.73 10.90 -5.97
N ILE C 311 -3.95 11.68 -5.23
CA ILE C 311 -2.75 12.34 -5.76
C ILE C 311 -1.68 11.39 -6.27
N LEU C 312 -1.65 10.17 -5.74
CA LEU C 312 -0.63 9.22 -6.15
C LEU C 312 -1.08 8.21 -7.18
N LEU C 313 -2.25 7.65 -6.97
CA LEU C 313 -2.75 6.62 -7.86
C LEU C 313 -3.92 7.10 -8.71
N GLY C 314 -4.40 8.31 -8.45
CA GLY C 314 -5.51 8.83 -9.21
C GLY C 314 -6.80 8.21 -8.72
N SER C 315 -7.92 8.68 -9.27
CA SER C 315 -9.25 8.20 -8.90
C SER C 315 -9.52 6.78 -9.40
N TYR D 1 16.96 -31.11 -24.68
CA TYR D 1 17.54 -29.99 -23.93
C TYR D 1 18.53 -29.19 -24.79
N LYS D 2 18.62 -27.89 -24.55
CA LYS D 2 19.53 -27.02 -25.30
C LYS D 2 19.54 -25.56 -24.83
N GLU D 3 20.68 -24.89 -25.07
CA GLU D 3 20.93 -23.48 -24.74
C GLU D 3 22.44 -23.24 -24.81
N GLU D 4 22.85 -22.02 -25.13
CA GLU D 4 24.28 -21.68 -25.28
C GLU D 4 24.98 -21.03 -24.07
N ASP D 5 25.64 -19.90 -24.33
CA ASP D 5 26.34 -19.11 -23.31
C ASP D 5 25.28 -18.49 -22.38
N SER D 6 24.45 -19.33 -21.79
CA SER D 6 23.38 -18.88 -20.91
C SER D 6 23.39 -19.52 -19.52
N THR D 7 23.24 -18.68 -18.51
CA THR D 7 23.19 -19.14 -17.12
C THR D 7 21.77 -19.08 -16.55
N VAL D 8 20.77 -19.23 -17.43
CA VAL D 8 19.38 -19.25 -17.01
C VAL D 8 19.01 -20.71 -16.91
N SER D 9 18.45 -21.09 -15.77
CA SER D 9 18.08 -22.47 -15.58
C SER D 9 17.19 -22.67 -14.36
N ILE D 10 16.59 -23.84 -14.26
CA ILE D 10 15.75 -24.16 -13.15
C ILE D 10 16.58 -24.71 -11.98
N LEU D 11 16.55 -24.04 -10.84
CA LEU D 11 17.28 -24.51 -9.64
C LEU D 11 16.79 -25.92 -9.36
N PRO D 12 17.63 -26.96 -9.56
CA PRO D 12 17.24 -28.35 -9.32
C PRO D 12 16.70 -28.74 -7.95
N THR D 13 17.10 -28.01 -6.92
CA THR D 13 16.62 -28.30 -5.57
C THR D 13 15.17 -27.85 -5.37
N SER D 14 14.64 -27.10 -6.34
CA SER D 14 13.28 -26.61 -6.23
C SER D 14 12.30 -27.55 -6.89
N LEU D 15 12.77 -28.46 -7.72
CA LEU D 15 11.84 -29.40 -8.34
C LEU D 15 11.13 -30.12 -7.23
N PRO D 16 9.82 -30.34 -7.38
CA PRO D 16 9.01 -31.02 -6.36
C PRO D 16 9.47 -32.39 -5.86
N GLN D 17 9.84 -33.30 -6.74
CA GLN D 17 10.23 -34.61 -6.28
C GLN D 17 11.54 -34.57 -5.51
N ILE D 18 12.45 -33.74 -5.99
CA ILE D 18 13.74 -33.63 -5.35
C ILE D 18 13.63 -32.96 -4.00
N HIS D 19 12.93 -31.84 -3.90
CA HIS D 19 12.82 -31.17 -2.62
C HIS D 19 12.05 -32.02 -1.61
N ARG D 20 11.07 -32.77 -2.09
CA ARG D 20 10.30 -33.62 -1.21
C ARG D 20 11.22 -34.73 -0.69
N ALA D 21 12.26 -35.05 -1.46
CA ALA D 21 13.18 -36.09 -1.04
C ALA D 21 14.18 -35.51 -0.05
N ASN D 22 14.69 -34.31 -0.31
CA ASN D 22 15.64 -33.75 0.64
C ASN D 22 14.98 -33.55 2.01
N MET D 23 13.71 -33.19 2.00
CA MET D 23 12.96 -33.00 3.24
C MET D 23 12.77 -34.33 3.95
N LEU D 24 12.55 -35.39 3.20
CA LEU D 24 12.39 -36.69 3.82
C LEU D 24 13.77 -37.10 4.37
N ALA D 25 14.83 -36.90 3.58
CA ALA D 25 16.18 -37.24 4.03
C ALA D 25 16.59 -36.47 5.27
N GLN D 26 15.98 -35.31 5.48
CA GLN D 26 16.27 -34.49 6.64
C GLN D 26 15.58 -35.03 7.88
N GLY D 27 14.64 -35.95 7.69
CA GLY D 27 13.98 -36.56 8.82
C GLY D 27 12.94 -35.80 9.64
N SER D 28 12.41 -34.68 9.15
CA SER D 28 11.38 -34.00 9.92
C SER D 28 10.27 -35.03 10.13
N PRO D 29 9.78 -35.15 11.38
CA PRO D 29 8.70 -36.14 11.57
C PRO D 29 7.42 -35.68 10.90
N ALA D 30 7.40 -34.42 10.46
CA ALA D 30 6.26 -33.83 9.78
C ALA D 30 6.34 -34.14 8.29
N ALA D 31 7.53 -34.00 7.74
CA ALA D 31 7.79 -34.23 6.33
C ALA D 31 7.34 -35.61 5.82
N SER D 32 7.17 -36.58 6.72
CA SER D 32 6.76 -37.91 6.30
C SER D 32 5.25 -38.06 6.21
N LYS D 33 4.50 -37.07 6.64
CA LYS D 33 3.04 -37.13 6.60
C LYS D 33 2.46 -36.28 5.48
N ILE D 34 3.20 -35.26 5.08
CA ILE D 34 2.73 -34.37 4.05
C ILE D 34 2.73 -34.93 2.62
N SER D 35 1.61 -34.74 1.91
CA SER D 35 1.48 -35.22 0.53
C SER D 35 1.29 -34.07 -0.44
N PRO D 36 1.88 -34.16 -1.63
CA PRO D 36 1.73 -33.10 -2.64
C PRO D 36 0.28 -32.96 -3.06
N LEU D 37 -0.10 -31.75 -3.49
CA LEU D 37 -1.46 -31.44 -3.89
C LEU D 37 -1.82 -31.89 -5.30
N VAL D 38 -3.12 -32.01 -5.60
CA VAL D 38 -3.56 -32.46 -6.91
C VAL D 38 -4.79 -31.71 -7.43
N THR D 39 -5.10 -31.89 -8.73
CA THR D 39 -6.24 -31.27 -9.42
C THR D 39 -7.49 -31.24 -8.54
N THR D 44 -15.95 -26.59 -16.72
CA THR D 44 -15.77 -28.02 -16.96
C THR D 44 -16.44 -28.41 -18.27
N ARG D 45 -17.62 -29.02 -18.14
CA ARG D 45 -18.42 -29.46 -19.26
C ARG D 45 -19.71 -28.63 -19.28
N TRP D 46 -19.86 -27.77 -20.29
CA TRP D 46 -21.04 -26.92 -20.38
C TRP D 46 -22.24 -27.53 -21.08
N HIS D 47 -23.42 -27.18 -20.57
CA HIS D 47 -24.69 -27.65 -21.10
C HIS D 47 -25.56 -26.44 -21.38
N PHE D 48 -26.28 -26.48 -22.50
CA PHE D 48 -27.15 -25.37 -22.87
C PHE D 48 -28.40 -25.38 -21.97
N GLY D 49 -28.76 -24.21 -21.45
CA GLY D 49 -29.93 -24.12 -20.61
C GLY D 49 -29.93 -25.17 -19.52
N ILE D 50 -31.07 -25.81 -19.29
CA ILE D 50 -31.18 -26.84 -18.26
C ILE D 50 -31.89 -28.09 -18.74
N ARG D 51 -31.49 -29.24 -18.19
CA ARG D 51 -32.07 -30.53 -18.55
C ARG D 51 -32.93 -31.16 -17.45
N SER D 52 -33.98 -31.86 -17.89
CA SER D 52 -34.89 -32.56 -17.00
C SER D 52 -35.57 -33.65 -17.81
N ARG D 53 -35.57 -34.86 -17.26
CA ARG D 53 -36.17 -36.02 -17.93
C ARG D 53 -37.62 -36.17 -17.45
N SER D 54 -38.21 -35.07 -16.98
CA SER D 54 -39.57 -35.08 -16.50
C SER D 54 -40.58 -34.72 -17.58
N TYR D 55 -41.86 -34.87 -17.25
CA TYR D 55 -42.94 -34.60 -18.18
C TYR D 55 -43.06 -33.12 -18.54
N PRO D 56 -43.04 -32.82 -19.86
CA PRO D 56 -43.15 -31.47 -20.42
C PRO D 56 -44.38 -30.69 -20.00
N LEU D 57 -44.77 -30.84 -18.73
CA LEU D 57 -45.92 -30.13 -18.22
C LEU D 57 -45.65 -29.76 -16.77
N ASP D 58 -44.76 -30.53 -16.17
CA ASP D 58 -44.37 -30.30 -14.78
C ASP D 58 -43.34 -29.18 -14.79
N VAL D 59 -42.34 -29.33 -15.65
CA VAL D 59 -41.28 -28.33 -15.81
C VAL D 59 -41.95 -26.99 -16.15
N MET D 60 -42.71 -26.99 -17.24
CA MET D 60 -43.40 -25.81 -17.73
C MET D 60 -44.26 -25.17 -16.66
N GLY D 61 -44.65 -25.97 -15.68
CA GLY D 61 -45.47 -25.47 -14.59
C GLY D 61 -44.59 -24.97 -13.47
N GLU D 62 -43.51 -25.69 -13.21
CA GLU D 62 -42.56 -25.33 -12.16
C GLU D 62 -41.98 -23.93 -12.37
N ILE D 63 -41.70 -23.59 -13.62
CA ILE D 63 -41.15 -22.29 -13.96
C ILE D 63 -42.13 -21.13 -13.71
N TYR D 64 -43.38 -21.26 -14.18
CA TYR D 64 -44.35 -20.19 -13.95
C TYR D 64 -44.55 -20.04 -12.45
N ILE D 65 -44.50 -21.17 -11.75
CA ILE D 65 -44.63 -21.19 -10.30
C ILE D 65 -43.40 -20.49 -9.73
N ALA D 66 -42.24 -20.98 -10.13
CA ALA D 66 -40.97 -20.43 -9.69
C ALA D 66 -40.94 -18.92 -9.91
N LEU D 67 -41.41 -18.51 -11.08
CA LEU D 67 -41.44 -17.10 -11.48
C LEU D 67 -42.41 -16.25 -10.67
N LYS D 68 -43.62 -16.75 -10.47
CA LYS D 68 -44.62 -15.99 -9.72
C LYS D 68 -44.11 -15.69 -8.31
N ASN D 69 -43.30 -16.59 -7.76
CA ASN D 69 -42.73 -16.39 -6.44
C ASN D 69 -41.65 -15.32 -6.51
N LEU D 70 -40.70 -15.52 -7.40
CA LEU D 70 -39.59 -14.59 -7.57
C LEU D 70 -40.03 -13.23 -8.10
N GLY D 71 -41.29 -12.88 -7.86
CA GLY D 71 -41.80 -11.60 -8.31
C GLY D 71 -41.76 -11.37 -9.82
N ALA D 72 -41.69 -12.46 -10.58
CA ALA D 72 -41.65 -12.34 -12.04
C ALA D 72 -43.04 -12.17 -12.61
N GLU D 73 -43.14 -11.36 -13.65
CA GLU D 73 -44.39 -11.08 -14.35
C GLU D 73 -44.17 -11.51 -15.81
N TRP D 74 -45.15 -12.20 -16.39
CA TRP D 74 -45.03 -12.68 -17.77
C TRP D 74 -46.18 -12.34 -18.71
N ALA D 75 -46.15 -12.91 -19.91
CA ALA D 75 -47.17 -12.69 -20.93
C ALA D 75 -47.92 -13.99 -21.25
N LYS D 76 -49.23 -13.89 -21.50
CA LYS D 76 -50.07 -15.04 -21.83
C LYS D 76 -49.68 -15.68 -23.17
N PRO D 77 -49.41 -17.00 -23.19
CA PRO D 77 -49.03 -17.71 -24.41
C PRO D 77 -50.17 -17.84 -25.42
N SER D 78 -50.22 -18.99 -26.10
CA SER D 78 -51.23 -19.33 -27.11
C SER D 78 -50.66 -19.25 -28.53
N LEU D 82 -48.03 -23.01 -26.40
CA LEU D 82 -46.81 -22.26 -26.67
C LEU D 82 -45.80 -22.50 -25.57
N TRP D 83 -44.80 -23.32 -25.86
CA TRP D 83 -43.75 -23.64 -24.89
C TRP D 83 -42.75 -22.50 -24.72
N THR D 84 -43.26 -21.26 -24.75
CA THR D 84 -42.40 -20.08 -24.63
C THR D 84 -42.94 -19.11 -23.60
N ILE D 85 -42.02 -18.46 -22.88
CA ILE D 85 -42.41 -17.51 -21.87
C ILE D 85 -41.76 -16.16 -22.09
N LYS D 86 -42.58 -15.13 -22.20
CA LYS D 86 -42.12 -13.76 -22.39
C LYS D 86 -42.31 -13.03 -21.07
N LEU D 87 -41.34 -13.16 -20.18
CA LEU D 87 -41.40 -12.54 -18.86
C LEU D 87 -40.59 -11.26 -18.70
N ARG D 88 -40.89 -10.53 -17.63
CA ARG D 88 -40.21 -9.30 -17.27
C ARG D 88 -39.63 -9.58 -15.88
N TRP D 89 -39.14 -8.56 -15.17
CA TRP D 89 -38.57 -8.76 -13.84
C TRP D 89 -37.78 -7.51 -13.39
N LYS D 90 -37.98 -7.07 -12.15
CA LYS D 90 -37.28 -5.88 -11.67
C LYS D 90 -36.17 -6.13 -10.65
N ASP D 105 -35.73 0.16 -13.02
CA ASP D 105 -35.30 -0.65 -14.16
C ASP D 105 -35.77 -2.10 -14.06
N LEU D 106 -36.12 -2.67 -15.21
CA LEU D 106 -36.57 -4.06 -15.29
C LEU D 106 -35.87 -4.80 -16.42
N MET D 107 -35.68 -6.09 -16.22
CA MET D 107 -35.02 -6.94 -17.19
C MET D 107 -36.00 -7.85 -17.91
N LYS D 108 -35.64 -8.29 -19.10
CA LYS D 108 -36.51 -9.13 -19.90
C LYS D 108 -35.85 -10.42 -20.38
N MET D 109 -36.57 -11.54 -20.23
CA MET D 109 -36.06 -12.83 -20.63
C MET D 109 -37.10 -13.63 -21.42
N VAL D 110 -36.64 -14.67 -22.11
CA VAL D 110 -37.54 -15.49 -22.89
C VAL D 110 -37.14 -16.97 -22.76
N ILE D 111 -37.85 -17.70 -21.91
CA ILE D 111 -37.53 -19.11 -21.70
C ILE D 111 -38.26 -19.95 -22.75
N GLN D 112 -37.73 -21.14 -23.02
CA GLN D 112 -38.32 -22.06 -23.99
C GLN D 112 -37.95 -23.51 -23.73
N LEU D 113 -38.89 -24.40 -24.06
CA LEU D 113 -38.69 -25.84 -23.87
C LEU D 113 -38.53 -26.55 -25.22
N PHE D 114 -37.71 -27.61 -25.21
CA PHE D 114 -37.41 -28.37 -26.42
C PHE D 114 -37.30 -29.88 -26.15
N GLN D 115 -37.36 -30.66 -27.22
CA GLN D 115 -37.25 -32.11 -27.13
C GLN D 115 -35.78 -32.53 -27.08
N ASN D 119 -38.33 -39.42 -22.78
CA ASN D 119 -37.19 -38.83 -23.48
C ASN D 119 -36.56 -37.77 -22.59
N ASN D 120 -35.67 -36.96 -23.16
CA ASN D 120 -35.03 -35.88 -22.42
C ASN D 120 -35.48 -34.54 -22.98
N TYR D 121 -35.55 -33.54 -22.10
CA TYR D 121 -35.97 -32.21 -22.53
C TYR D 121 -35.09 -31.08 -22.02
N LEU D 122 -34.98 -30.02 -22.82
CA LEU D 122 -34.13 -28.88 -22.48
C LEU D 122 -34.88 -27.56 -22.46
N VAL D 123 -34.54 -26.71 -21.51
CA VAL D 123 -35.18 -25.41 -21.37
C VAL D 123 -34.11 -24.35 -21.39
N ASP D 124 -34.18 -23.41 -22.35
CA ASP D 124 -33.17 -22.37 -22.40
C ASP D 124 -33.72 -20.96 -22.20
N PHE D 125 -32.90 -20.12 -21.59
CA PHE D 125 -33.26 -18.73 -21.30
C PHE D 125 -32.44 -17.79 -22.18
N LYS D 126 -33.11 -16.78 -22.74
CA LYS D 126 -32.46 -15.81 -23.59
C LYS D 126 -32.73 -14.43 -23.04
N PHE D 127 -31.67 -13.74 -22.63
CA PHE D 127 -31.81 -12.39 -22.12
C PHE D 127 -32.38 -11.59 -23.30
N ASP D 128 -33.39 -10.75 -23.04
CA ASP D 128 -33.98 -9.96 -24.14
C ASP D 128 -34.01 -8.46 -23.88
N GLY D 129 -32.90 -7.93 -23.37
CA GLY D 129 -32.79 -6.50 -23.10
C GLY D 129 -33.53 -5.97 -21.89
N TRP D 130 -33.58 -4.65 -21.80
CA TRP D 130 -34.25 -3.96 -20.72
C TRP D 130 -35.33 -3.04 -21.28
N GLU D 131 -36.26 -2.66 -20.39
CA GLU D 131 -37.36 -1.76 -20.71
C GLU D 131 -37.91 -1.29 -19.38
N SER D 132 -37.18 -0.40 -18.71
CA SER D 132 -37.60 0.11 -17.41
C SER D 132 -39.03 0.65 -17.43
N GLU D 147 -23.59 -3.52 -27.65
CA GLU D 147 -25.00 -3.63 -27.32
C GLU D 147 -25.20 -3.53 -25.80
N MET D 148 -26.37 -3.03 -25.39
CA MET D 148 -26.70 -2.89 -23.97
C MET D 148 -26.84 -4.29 -23.35
N SER D 149 -26.75 -5.31 -24.20
CA SER D 149 -26.86 -6.71 -23.79
C SER D 149 -25.63 -7.09 -22.96
N THR D 150 -24.54 -6.36 -23.22
CA THR D 150 -23.26 -6.57 -22.54
C THR D 150 -23.25 -5.88 -21.19
N PHE D 151 -23.70 -4.63 -21.18
CA PHE D 151 -23.76 -3.81 -19.95
C PHE D 151 -24.50 -4.56 -18.85
N SER D 152 -25.18 -5.62 -19.24
CA SER D 152 -25.95 -6.39 -18.28
C SER D 152 -25.78 -7.91 -18.31
N ALA D 153 -24.57 -8.39 -18.57
CA ALA D 153 -24.35 -9.83 -18.64
C ALA D 153 -24.51 -10.51 -17.28
N TYR D 154 -24.02 -9.88 -16.22
CA TYR D 154 -24.11 -10.49 -14.91
C TYR D 154 -25.44 -10.35 -14.19
N PRO D 155 -26.18 -9.24 -14.41
CA PRO D 155 -27.46 -9.16 -13.71
C PRO D 155 -28.37 -10.24 -14.28
N PHE D 156 -28.15 -10.60 -15.55
CA PHE D 156 -28.93 -11.65 -16.20
C PHE D 156 -28.58 -13.01 -15.60
N LEU D 157 -27.30 -13.33 -15.55
CA LEU D 157 -26.86 -14.59 -14.99
C LEU D 157 -27.31 -14.72 -13.53
N HIS D 158 -27.45 -13.58 -12.85
CA HIS D 158 -27.89 -13.60 -11.46
C HIS D 158 -29.33 -14.05 -11.31
N LEU D 159 -30.23 -13.43 -12.08
CA LEU D 159 -31.64 -13.78 -11.99
C LEU D 159 -31.85 -15.22 -12.39
N THR D 160 -31.27 -15.66 -13.51
CA THR D 160 -31.49 -17.05 -13.91
C THR D 160 -30.94 -17.96 -12.84
N THR D 161 -30.03 -17.43 -12.03
CA THR D 161 -29.48 -18.22 -10.96
C THR D 161 -30.53 -18.31 -9.86
N LYS D 162 -31.15 -17.19 -9.53
CA LYS D 162 -32.19 -17.20 -8.50
C LYS D 162 -33.38 -18.05 -8.94
N LEU D 163 -33.66 -18.05 -10.25
CA LEU D 163 -34.76 -18.82 -10.80
C LEU D 163 -34.46 -20.32 -10.76
N ILE D 164 -33.18 -20.65 -10.85
CA ILE D 164 -32.75 -22.05 -10.81
C ILE D 164 -32.80 -22.56 -9.37
N MET D 165 -32.36 -21.72 -8.44
CA MET D 165 -32.35 -22.07 -7.02
C MET D 165 -33.75 -22.49 -6.53
N GLU D 166 -34.74 -21.65 -6.79
CA GLU D 166 -36.12 -21.92 -6.39
C GLU D 166 -36.58 -23.27 -6.93
N LEU D 167 -36.29 -23.52 -8.20
CA LEU D 167 -36.68 -24.79 -8.80
C LEU D 167 -36.08 -25.92 -7.97
N ALA D 168 -34.77 -25.85 -7.76
CA ALA D 168 -34.05 -26.86 -6.99
C ALA D 168 -34.80 -27.26 -5.73
N VAL D 169 -34.98 -26.32 -4.82
CA VAL D 169 -35.67 -26.61 -3.58
C VAL D 169 -37.06 -27.18 -3.86
N ASN D 170 -37.79 -26.55 -4.78
CA ASN D 170 -39.14 -26.98 -5.14
C ASN D 170 -39.23 -28.39 -5.74
N SER D 171 -38.16 -28.80 -6.44
CA SER D 171 -38.14 -30.14 -7.05
C SER D 171 -37.40 -31.14 -6.17
N SER E 1 -21.23 -27.13 -51.30
CA SER E 1 -20.35 -25.96 -51.21
C SER E 1 -21.07 -24.71 -50.71
N LEU E 2 -20.77 -24.34 -49.47
CA LEU E 2 -21.34 -23.16 -48.81
C LEU E 2 -20.19 -22.29 -48.30
N MET E 3 -19.04 -22.43 -48.95
CA MET E 3 -17.85 -21.69 -48.59
C MET E 3 -17.96 -20.26 -49.11
N VAL E 4 -18.11 -19.34 -48.16
CA VAL E 4 -18.26 -17.92 -48.45
C VAL E 4 -17.05 -17.34 -49.19
N PRO E 5 -17.31 -16.48 -50.17
CA PRO E 5 -16.24 -15.83 -50.95
C PRO E 5 -15.68 -14.67 -50.14
N VAL E 6 -14.42 -14.75 -49.76
CA VAL E 6 -13.81 -13.68 -48.97
C VAL E 6 -12.57 -13.15 -49.65
N GLU E 7 -12.30 -11.86 -49.47
CA GLU E 7 -11.13 -11.23 -50.06
C GLU E 7 -10.20 -10.62 -48.99
N ILE E 8 -9.01 -11.20 -48.85
CA ILE E 8 -8.02 -10.71 -47.88
C ILE E 8 -7.16 -9.68 -48.61
N ARG E 9 -6.90 -8.55 -47.98
CA ARG E 9 -6.10 -7.52 -48.60
C ARG E 9 -4.96 -7.00 -47.75
N TRP E 10 -3.91 -6.56 -48.42
CA TRP E 10 -2.74 -5.96 -47.78
C TRP E 10 -2.55 -4.61 -48.44
N GLN E 11 -1.99 -3.64 -47.73
CA GLN E 11 -1.79 -2.35 -48.33
C GLN E 11 -0.67 -1.59 -47.65
N GLN E 12 0.44 -2.28 -47.38
CA GLN E 12 1.56 -1.66 -46.69
C GLN E 12 2.89 -2.03 -47.32
N GLY E 13 2.95 -1.91 -48.65
CA GLY E 13 4.17 -2.17 -49.39
C GLY E 13 4.56 -3.62 -49.58
N GLY E 14 5.69 -3.82 -50.26
CA GLY E 14 6.21 -5.15 -50.51
C GLY E 14 6.03 -5.57 -51.96
N SER E 15 6.85 -6.53 -52.41
CA SER E 15 6.76 -7.01 -53.79
C SER E 15 6.06 -8.35 -53.78
N LYS E 16 6.41 -9.16 -52.80
CA LYS E 16 5.81 -10.49 -52.64
C LYS E 16 5.01 -10.51 -51.33
N VAL E 17 3.79 -11.01 -51.42
CA VAL E 17 2.90 -11.07 -50.28
C VAL E 17 2.11 -12.35 -50.33
N TYR E 18 1.95 -13.00 -49.17
CA TYR E 18 1.14 -14.21 -49.06
C TYR E 18 0.46 -14.14 -47.70
N VAL E 19 -0.40 -15.10 -47.44
CA VAL E 19 -1.10 -15.19 -46.17
C VAL E 19 -1.12 -16.63 -45.69
N THR E 20 -1.02 -16.81 -44.37
CA THR E 20 -1.09 -18.12 -43.74
C THR E 20 -2.06 -17.92 -42.58
N GLY E 21 -2.80 -18.96 -42.25
CA GLY E 21 -3.73 -18.86 -41.15
C GLY E 21 -4.36 -20.22 -40.93
N SER E 22 -5.27 -20.27 -39.95
CA SER E 22 -5.98 -21.48 -39.60
C SER E 22 -6.51 -22.21 -40.82
N PHE E 23 -6.93 -21.45 -41.83
CA PHE E 23 -7.46 -22.05 -43.04
C PHE E 23 -6.35 -22.60 -43.93
N THR E 24 -5.23 -22.95 -43.30
CA THR E 24 -4.07 -23.50 -43.99
C THR E 24 -3.24 -24.24 -42.94
N LYS E 25 -3.80 -24.34 -41.74
CA LYS E 25 -3.11 -25.00 -40.64
C LYS E 25 -1.73 -24.37 -40.49
N TRP E 26 -1.65 -23.09 -40.84
CA TRP E 26 -0.42 -22.33 -40.76
C TRP E 26 0.77 -23.06 -41.41
N ARG E 27 0.55 -23.67 -42.56
CA ARG E 27 1.61 -24.40 -43.24
C ARG E 27 1.35 -24.40 -44.73
N LYS E 28 1.44 -23.24 -45.36
CA LYS E 28 1.17 -23.10 -46.79
C LYS E 28 0.72 -21.67 -47.00
N MET E 29 1.48 -20.91 -47.79
CA MET E 29 1.12 -19.53 -48.00
C MET E 29 0.46 -19.28 -49.34
N ILE E 30 -0.61 -18.49 -49.32
CA ILE E 30 -1.36 -18.14 -50.52
C ILE E 30 -0.89 -16.77 -50.95
N GLY E 31 -0.37 -16.68 -52.17
CA GLY E 31 0.12 -15.40 -52.65
C GLY E 31 -0.97 -14.42 -53.00
N LEU E 32 -0.71 -13.14 -52.76
CA LEU E 32 -1.70 -12.13 -53.10
C LEU E 32 -1.31 -11.40 -54.39
N ILE E 33 -2.30 -11.14 -55.23
CA ILE E 33 -2.12 -10.46 -56.51
C ILE E 33 -2.12 -8.96 -56.27
N PRO E 34 -1.25 -8.22 -56.98
CA PRO E 34 -1.10 -6.78 -56.89
C PRO E 34 -2.38 -6.03 -57.26
N ASP E 35 -2.67 -4.98 -56.51
CA ASP E 35 -3.87 -4.18 -56.75
C ASP E 35 -3.74 -3.35 -58.03
N SER E 36 -4.72 -3.47 -58.91
CA SER E 36 -4.71 -2.73 -60.16
C SER E 36 -4.69 -1.22 -59.93
N ASP E 37 -5.82 -0.67 -59.50
CA ASP E 37 -5.92 0.76 -59.27
C ASP E 37 -4.92 1.32 -58.26
N ASN E 38 -4.94 0.79 -57.04
CA ASN E 38 -4.05 1.28 -56.00
C ASN E 38 -2.73 0.52 -55.94
N ASN E 39 -1.63 1.25 -55.80
CA ASN E 39 -0.33 0.60 -55.72
C ASN E 39 0.05 0.45 -54.25
N GLY E 40 1.04 -0.39 -53.98
CA GLY E 40 1.47 -0.62 -52.61
C GLY E 40 0.60 -1.68 -51.95
N SER E 41 -0.54 -1.99 -52.57
CA SER E 41 -1.46 -2.97 -52.03
C SER E 41 -1.67 -4.21 -52.90
N PHE E 42 -2.14 -5.28 -52.28
CA PHE E 42 -2.35 -6.56 -52.95
C PHE E 42 -3.68 -7.14 -52.50
N HIS E 43 -4.07 -8.26 -53.07
CA HIS E 43 -5.32 -8.91 -52.70
C HIS E 43 -5.36 -10.34 -53.21
N VAL E 44 -6.30 -11.12 -52.69
CA VAL E 44 -6.50 -12.51 -53.10
C VAL E 44 -7.89 -12.91 -52.61
N LYS E 45 -8.62 -13.66 -53.43
CA LYS E 45 -9.96 -14.08 -53.02
C LYS E 45 -9.91 -15.53 -52.56
N LEU E 46 -10.60 -15.84 -51.47
CA LEU E 46 -10.60 -17.19 -50.94
C LEU E 46 -11.99 -17.75 -50.73
N ARG E 47 -12.05 -19.04 -50.41
CA ARG E 47 -13.31 -19.72 -50.13
C ARG E 47 -13.19 -20.32 -48.73
N LEU E 48 -13.76 -19.62 -47.74
CA LEU E 48 -13.67 -20.09 -46.35
C LEU E 48 -15.03 -20.50 -45.78
N LEU E 49 -15.06 -21.59 -45.02
CA LEU E 49 -16.30 -22.04 -44.40
C LEU E 49 -16.65 -20.96 -43.38
N PRO E 50 -17.92 -20.86 -42.99
CA PRO E 50 -18.28 -19.83 -42.02
C PRO E 50 -17.51 -20.00 -40.72
N GLY E 51 -17.34 -18.90 -39.98
CA GLY E 51 -16.63 -18.95 -38.73
C GLY E 51 -15.51 -17.93 -38.64
N THR E 52 -14.71 -18.02 -37.59
CA THR E 52 -13.61 -17.10 -37.42
C THR E 52 -12.34 -17.64 -38.08
N HIS E 53 -11.53 -16.76 -38.64
CA HIS E 53 -10.31 -17.18 -39.28
C HIS E 53 -9.12 -16.29 -38.89
N ARG E 54 -8.13 -16.88 -38.23
CA ARG E 54 -6.97 -16.12 -37.81
C ARG E 54 -5.91 -16.25 -38.90
N PHE E 55 -5.13 -15.20 -39.15
CA PHE E 55 -4.10 -15.25 -40.19
C PHE E 55 -3.03 -14.18 -40.08
N ARG E 56 -1.99 -14.33 -40.89
CA ARG E 56 -0.86 -13.40 -40.92
C ARG E 56 -0.34 -13.25 -42.34
N PHE E 57 0.55 -12.28 -42.51
CA PHE E 57 1.13 -12.03 -43.80
C PHE E 57 2.63 -12.31 -43.88
N ILE E 58 3.05 -12.62 -45.09
CA ILE E 58 4.45 -12.85 -45.40
C ILE E 58 4.73 -11.83 -46.51
N VAL E 59 5.38 -10.75 -46.14
CA VAL E 59 5.70 -9.69 -47.07
C VAL E 59 7.21 -9.67 -47.30
N ASP E 60 7.62 -10.11 -48.48
CA ASP E 60 9.04 -10.16 -48.82
C ASP E 60 9.82 -10.91 -47.73
N ASN E 61 9.34 -12.11 -47.44
CA ASN E 61 9.95 -13.02 -46.48
C ASN E 61 9.93 -12.65 -45.02
N GLU E 62 9.16 -11.63 -44.66
CA GLU E 62 9.05 -11.24 -43.27
C GLU E 62 7.59 -11.44 -42.87
N LEU E 63 7.37 -11.86 -41.62
CA LEU E 63 6.01 -12.09 -41.12
C LEU E 63 5.40 -10.80 -40.63
N ARG E 64 4.20 -10.48 -41.10
CA ARG E 64 3.56 -9.24 -40.70
C ARG E 64 2.08 -9.34 -40.35
N VAL E 65 1.60 -8.29 -39.67
CA VAL E 65 0.20 -8.17 -39.27
C VAL E 65 -0.33 -6.83 -39.85
N SER E 66 -1.44 -6.89 -40.55
CA SER E 66 -2.02 -5.69 -41.14
C SER E 66 -2.65 -4.81 -40.09
N ASP E 67 -2.42 -3.51 -40.19
CA ASP E 67 -2.99 -2.54 -39.26
C ASP E 67 -4.25 -1.94 -39.87
N PHE E 68 -4.81 -2.62 -40.85
CA PHE E 68 -6.02 -2.16 -41.51
C PHE E 68 -7.01 -3.33 -41.44
N LEU E 69 -6.79 -4.19 -40.46
CA LEU E 69 -7.68 -5.31 -40.27
C LEU E 69 -7.70 -5.62 -38.78
N PRO E 70 -8.77 -6.29 -38.32
CA PRO E 70 -8.95 -6.67 -36.92
C PRO E 70 -7.77 -7.54 -36.45
N THR E 71 -7.23 -7.20 -35.28
CA THR E 71 -6.14 -7.97 -34.73
C THR E 71 -6.59 -8.65 -33.42
N ALA E 72 -5.83 -9.64 -32.98
CA ALA E 72 -6.14 -10.37 -31.75
C ALA E 72 -4.95 -11.27 -31.42
N THR E 73 -5.08 -12.07 -30.37
CA THR E 73 -4.02 -13.00 -30.02
C THR E 73 -4.63 -14.39 -29.97
N ASP E 74 -3.78 -15.40 -29.89
CA ASP E 74 -4.25 -16.78 -29.76
C ASP E 74 -4.25 -17.04 -28.27
N GLN E 75 -4.65 -18.24 -27.91
CA GLN E 75 -4.61 -18.60 -26.52
C GLN E 75 -3.14 -18.34 -26.14
N MET E 76 -2.20 -18.88 -26.91
CA MET E 76 -0.78 -18.69 -26.64
C MET E 76 -0.27 -17.23 -26.61
N GLY E 77 -0.84 -16.37 -27.46
CA GLY E 77 -0.40 -14.98 -27.48
C GLY E 77 0.22 -14.52 -28.80
N ASN E 78 -0.03 -15.26 -29.88
CA ASN E 78 0.52 -14.85 -31.16
C ASN E 78 -0.38 -13.72 -31.64
N PHE E 79 0.23 -12.64 -32.11
CA PHE E 79 -0.52 -11.49 -32.62
C PHE E 79 -0.94 -11.78 -34.06
N VAL E 80 -2.25 -11.76 -34.33
CA VAL E 80 -2.78 -12.09 -35.65
C VAL E 80 -3.97 -11.25 -36.09
N ASN E 81 -4.24 -11.32 -37.40
CA ASN E 81 -5.40 -10.66 -37.97
C ASN E 81 -6.49 -11.74 -37.96
N TYR E 82 -7.74 -11.32 -38.10
CA TYR E 82 -8.80 -12.31 -38.14
C TYR E 82 -9.98 -11.69 -38.84
N ILE E 83 -10.84 -12.57 -39.37
CA ILE E 83 -12.04 -12.18 -40.07
C ILE E 83 -13.14 -13.10 -39.58
N GLU E 84 -14.34 -12.56 -39.49
CA GLU E 84 -15.49 -13.33 -39.07
C GLU E 84 -16.36 -13.56 -40.30
N VAL E 85 -16.37 -14.78 -40.79
CA VAL E 85 -17.18 -15.14 -41.95
C VAL E 85 -18.52 -15.68 -41.44
N ARG E 86 -19.63 -15.11 -41.89
CA ARG E 86 -20.93 -15.56 -41.40
C ARG E 86 -21.75 -16.50 -42.30
N GLN E 87 -22.46 -15.91 -43.26
CA GLN E 87 -23.32 -16.68 -44.16
C GLN E 87 -22.69 -17.05 -45.49
N THR E 147 -48.99 -12.58 -14.15
CA THR E 147 -48.90 -13.29 -12.87
C THR E 147 -49.96 -14.38 -12.81
N ASP E 148 -50.43 -14.81 -13.98
CA ASP E 148 -51.47 -15.83 -14.04
C ASP E 148 -50.95 -17.09 -14.74
N ILE E 149 -50.67 -18.12 -13.95
CA ILE E 149 -50.13 -19.37 -14.50
C ILE E 149 -51.05 -19.99 -15.54
N PRO E 150 -50.48 -20.45 -16.69
CA PRO E 150 -51.29 -21.07 -17.74
C PRO E 150 -52.03 -22.28 -17.21
N ALA E 151 -53.36 -22.17 -17.20
CA ALA E 151 -54.23 -23.23 -16.74
C ALA E 151 -53.81 -24.59 -17.30
N VAL E 152 -53.20 -24.58 -18.48
CA VAL E 152 -52.75 -25.82 -19.13
C VAL E 152 -51.92 -26.70 -18.21
N PHE E 153 -50.98 -26.09 -17.48
CA PHE E 153 -50.09 -26.83 -16.58
C PHE E 153 -50.59 -26.74 -15.16
N THR E 154 -51.57 -27.57 -14.83
CA THR E 154 -52.15 -27.60 -13.48
C THR E 154 -53.03 -28.83 -13.32
N PRO E 180 -43.27 -30.44 -27.03
CA PRO E 180 -42.07 -29.61 -27.12
C PRO E 180 -41.41 -29.70 -28.49
N PRO E 181 -41.48 -28.60 -29.27
CA PRO E 181 -40.89 -28.56 -30.62
C PRO E 181 -39.43 -29.00 -30.69
N GLN E 182 -38.96 -29.10 -31.94
CA GLN E 182 -37.61 -29.54 -32.24
C GLN E 182 -36.54 -28.58 -31.76
N LEU E 183 -35.46 -29.16 -31.24
CA LEU E 183 -34.31 -28.43 -30.73
C LEU E 183 -33.20 -28.35 -31.77
N PRO E 184 -33.06 -27.20 -32.46
CA PRO E 184 -32.01 -27.03 -33.47
C PRO E 184 -30.61 -27.10 -32.86
N PRO E 185 -29.70 -27.85 -33.49
CA PRO E 185 -28.34 -27.94 -32.94
C PRO E 185 -27.78 -26.54 -32.78
N GLN E 186 -28.30 -25.64 -33.61
CA GLN E 186 -27.92 -24.23 -33.62
C GLN E 186 -28.00 -23.66 -32.21
N HIS E 215 -19.48 -18.39 -29.94
CA HIS E 215 -20.14 -18.40 -31.23
C HIS E 215 -20.86 -17.08 -31.52
N VAL E 216 -21.69 -17.05 -32.56
CA VAL E 216 -22.41 -15.84 -32.92
C VAL E 216 -23.94 -15.96 -32.98
N VAL E 217 -24.50 -16.97 -32.31
CA VAL E 217 -25.95 -17.13 -32.27
C VAL E 217 -26.41 -17.41 -30.83
N LEU E 218 -25.73 -16.76 -29.88
CA LEU E 218 -26.04 -16.93 -28.47
C LEU E 218 -25.91 -15.67 -27.60
N ASN E 219 -26.64 -15.70 -26.49
CA ASN E 219 -26.70 -14.66 -25.50
C ASN E 219 -27.70 -15.30 -24.54
N HIS E 220 -27.63 -16.63 -24.55
CA HIS E 220 -28.46 -17.51 -23.74
C HIS E 220 -27.66 -17.96 -22.54
N LEU E 221 -28.32 -18.67 -21.65
CA LEU E 221 -27.70 -19.18 -20.45
C LEU E 221 -27.05 -20.54 -20.72
N VAL E 222 -25.82 -20.71 -20.24
CA VAL E 222 -25.09 -21.95 -20.38
C VAL E 222 -24.77 -22.39 -18.95
N THR E 223 -25.42 -23.46 -18.52
CA THR E 223 -25.23 -23.97 -17.18
C THR E 223 -24.19 -25.08 -17.06
N SER E 224 -23.77 -25.34 -15.85
CA SER E 224 -22.79 -26.37 -15.56
C SER E 224 -23.26 -27.21 -14.39
N SER E 225 -22.91 -28.49 -14.41
CA SER E 225 -23.28 -29.41 -13.34
C SER E 225 -22.91 -28.78 -11.99
N ILE E 226 -23.91 -28.62 -11.13
CA ILE E 226 -23.69 -28.03 -9.80
C ILE E 226 -22.59 -28.77 -9.07
N LYS E 227 -21.39 -28.22 -9.09
CA LYS E 227 -20.28 -28.88 -8.43
C LYS E 227 -20.46 -28.95 -6.92
N HIS E 228 -19.49 -28.39 -6.18
CA HIS E 228 -19.54 -28.42 -4.73
C HIS E 228 -20.90 -28.04 -4.17
N ASN E 229 -21.07 -26.78 -3.82
CA ASN E 229 -22.35 -26.32 -3.29
C ASN E 229 -22.69 -25.04 -4.03
N THR E 230 -21.80 -24.67 -4.94
CA THR E 230 -21.93 -23.45 -5.70
C THR E 230 -22.35 -23.61 -7.17
N LEU E 231 -23.13 -22.65 -7.65
CA LEU E 231 -23.62 -22.61 -9.03
C LEU E 231 -22.57 -21.98 -9.96
N CYS E 232 -22.45 -22.51 -11.17
CA CYS E 232 -21.48 -21.97 -12.12
C CYS E 232 -22.14 -21.78 -13.46
N VAL E 233 -22.67 -20.58 -13.71
CA VAL E 233 -23.35 -20.34 -14.96
C VAL E 233 -22.64 -19.34 -15.86
N ALA E 234 -22.81 -19.49 -17.18
CA ALA E 234 -22.17 -18.60 -18.12
C ALA E 234 -23.13 -18.04 -19.15
N SER E 235 -22.58 -17.23 -20.04
CA SER E 235 -23.35 -16.62 -21.12
C SER E 235 -22.39 -16.00 -22.14
N ILE E 236 -22.50 -16.42 -23.39
CA ILE E 236 -21.61 -15.88 -24.38
C ILE E 236 -22.09 -14.52 -24.80
N VAL E 237 -21.22 -13.54 -24.58
CA VAL E 237 -21.51 -12.16 -24.88
C VAL E 237 -20.49 -11.53 -25.81
N ARG E 238 -20.94 -10.59 -26.62
CA ARG E 238 -20.06 -9.91 -27.55
C ARG E 238 -19.61 -8.54 -27.05
N TYR E 239 -18.32 -8.26 -27.15
CA TYR E 239 -17.75 -6.98 -26.76
C TYR E 239 -17.08 -6.43 -28.03
N LYS E 240 -17.67 -5.40 -28.61
CA LYS E 240 -17.19 -4.84 -29.87
C LYS E 240 -17.25 -5.95 -30.91
N GLN E 241 -16.12 -6.35 -31.49
CA GLN E 241 -16.12 -7.43 -32.48
C GLN E 241 -15.50 -8.70 -31.94
N LYS E 242 -15.43 -8.82 -30.63
CA LYS E 242 -14.89 -10.01 -30.00
C LYS E 242 -15.92 -10.58 -29.04
N TYR E 243 -15.71 -11.83 -28.61
CA TYR E 243 -16.67 -12.47 -27.71
C TYR E 243 -16.09 -12.89 -26.39
N VAL E 244 -16.87 -12.69 -25.34
CA VAL E 244 -16.46 -13.07 -23.99
C VAL E 244 -17.47 -14.07 -23.44
N THR E 245 -16.96 -15.11 -22.77
CA THR E 245 -17.82 -16.09 -22.12
C THR E 245 -17.84 -15.61 -20.69
N GLN E 246 -18.94 -14.96 -20.30
CA GLN E 246 -19.06 -14.43 -18.96
C GLN E 246 -19.46 -15.54 -18.03
N ILE E 247 -18.59 -15.83 -17.08
CA ILE E 247 -18.84 -16.89 -16.13
C ILE E 247 -19.02 -16.31 -14.74
N LEU E 248 -19.98 -16.87 -14.02
CA LEU E 248 -20.29 -16.42 -12.66
C LEU E 248 -20.39 -17.60 -11.72
N TYR E 249 -19.98 -17.41 -10.48
CA TYR E 249 -20.06 -18.48 -9.49
C TYR E 249 -20.82 -17.93 -8.28
N THR E 250 -21.96 -18.54 -7.95
CA THR E 250 -22.73 -18.10 -6.79
C THR E 250 -23.10 -19.25 -5.86
N PRO E 251 -23.35 -18.93 -4.58
CA PRO E 251 -23.72 -19.94 -3.59
C PRO E 251 -25.24 -20.08 -3.58
N ILE E 252 -25.72 -21.19 -3.04
CA ILE E 252 -27.15 -21.45 -2.98
C ILE E 252 -27.76 -21.04 -1.63
N SER F 1 31.63 -5.11 -28.52
CA SER F 1 31.30 -3.75 -28.95
C SER F 1 30.34 -3.11 -27.94
N GLN F 2 30.90 -2.70 -26.81
CA GLN F 2 30.12 -2.07 -25.73
C GLN F 2 29.29 -0.88 -26.22
N GLU F 3 29.32 -0.61 -27.52
CA GLU F 3 28.55 0.48 -28.09
C GLU F 3 27.63 -0.02 -29.19
N LYS F 4 28.11 -0.98 -29.96
CA LYS F 4 27.31 -1.55 -31.04
C LYS F 4 26.25 -2.46 -30.39
N VAL F 5 26.57 -2.97 -29.21
CA VAL F 5 25.67 -3.84 -28.46
C VAL F 5 24.71 -2.94 -27.68
N SER F 6 25.24 -1.82 -27.20
CA SER F 6 24.44 -0.87 -26.44
C SER F 6 23.54 -0.10 -27.39
N ILE F 7 24.05 0.17 -28.58
CA ILE F 7 23.28 0.90 -29.56
C ILE F 7 22.11 0.08 -30.10
N GLU F 8 22.36 -1.18 -30.46
CA GLU F 8 21.29 -2.01 -30.97
C GLU F 8 20.22 -2.13 -29.87
N GLN F 9 20.64 -2.47 -28.66
CA GLN F 9 19.72 -2.61 -27.55
C GLN F 9 18.83 -1.39 -27.46
N GLN F 10 19.43 -0.22 -27.65
CA GLN F 10 18.67 1.02 -27.57
C GLN F 10 17.65 1.20 -28.68
N LEU F 11 17.91 0.57 -29.83
CA LEU F 11 16.99 0.67 -30.96
C LEU F 11 15.96 -0.44 -30.87
N ALA F 12 16.22 -1.40 -29.99
CA ALA F 12 15.30 -2.52 -29.81
C ALA F 12 14.27 -2.06 -28.78
N VAL F 13 14.76 -1.52 -27.67
CA VAL F 13 13.91 -1.02 -26.60
C VAL F 13 12.98 0.06 -27.12
N GLU F 14 13.54 1.07 -27.76
CA GLU F 14 12.73 2.15 -28.30
C GLU F 14 11.71 1.59 -29.28
N SER F 15 12.11 0.57 -30.03
CA SER F 15 11.23 -0.03 -31.01
C SER F 15 10.03 -0.75 -30.38
N ILE F 16 10.25 -1.32 -29.19
CA ILE F 16 9.20 -2.06 -28.48
C ILE F 16 8.22 -1.09 -27.86
N ARG F 17 8.74 0.00 -27.33
CA ARG F 17 7.90 1.00 -26.71
C ARG F 17 6.96 1.59 -27.74
N LYS F 18 7.44 1.76 -28.96
CA LYS F 18 6.57 2.29 -29.99
C LYS F 18 5.46 1.30 -30.28
N PHE F 19 5.81 0.02 -30.28
CA PHE F 19 4.84 -1.04 -30.55
C PHE F 19 3.71 -0.95 -29.55
N LEU F 20 4.06 -0.84 -28.28
CA LEU F 20 3.06 -0.75 -27.24
C LEU F 20 2.20 0.48 -27.38
N ASN F 21 2.81 1.60 -27.72
CA ASN F 21 2.03 2.82 -27.87
C ASN F 21 1.16 2.80 -29.11
N SER F 22 1.40 1.83 -29.98
CA SER F 22 0.67 1.70 -31.24
C SER F 22 -0.49 0.71 -31.19
N LYS F 23 -0.62 0.01 -30.07
CA LYS F 23 -1.69 -0.96 -29.92
C LYS F 23 -2.45 -0.68 -28.63
N THR F 24 -3.65 -1.24 -28.54
CA THR F 24 -4.47 -1.08 -27.34
C THR F 24 -4.84 -2.47 -26.79
N SER F 25 -5.19 -2.51 -25.52
CA SER F 25 -5.55 -3.77 -24.89
C SER F 25 -6.58 -4.53 -25.72
N TYR F 26 -7.66 -3.86 -26.10
CA TYR F 26 -8.70 -4.50 -26.90
C TYR F 26 -8.14 -5.21 -28.11
N ASP F 27 -7.16 -4.61 -28.77
CA ASP F 27 -6.58 -5.25 -29.94
C ASP F 27 -5.82 -6.53 -29.60
N VAL F 28 -5.39 -6.62 -28.35
CA VAL F 28 -4.60 -7.75 -27.87
C VAL F 28 -5.46 -8.84 -27.20
N LEU F 29 -6.77 -8.69 -27.24
CA LEU F 29 -7.63 -9.71 -26.65
C LEU F 29 -7.83 -10.85 -27.64
N PRO F 30 -8.01 -12.08 -27.13
CA PRO F 30 -8.23 -13.18 -28.07
C PRO F 30 -9.58 -12.88 -28.65
N VAL F 31 -9.90 -13.45 -29.80
CA VAL F 31 -11.18 -13.19 -30.44
C VAL F 31 -12.28 -13.65 -29.53
N SER F 32 -12.00 -14.76 -28.86
CA SER F 32 -12.94 -15.41 -27.96
C SER F 32 -12.23 -15.91 -26.70
N TYR F 33 -12.49 -15.27 -25.56
CA TYR F 33 -11.89 -15.65 -24.29
C TYR F 33 -12.95 -15.67 -23.20
N ARG F 34 -12.61 -16.23 -22.03
CA ARG F 34 -13.56 -16.30 -20.93
C ARG F 34 -13.15 -15.46 -19.74
N LEU F 35 -14.12 -15.10 -18.92
CA LEU F 35 -13.88 -14.29 -17.75
C LEU F 35 -14.62 -14.94 -16.57
N ILE F 36 -13.90 -15.28 -15.51
CA ILE F 36 -14.53 -15.91 -14.35
C ILE F 36 -14.72 -14.93 -13.20
N VAL F 37 -15.98 -14.64 -12.90
CA VAL F 37 -16.35 -13.72 -11.84
C VAL F 37 -17.00 -14.45 -10.66
N LEU F 38 -16.70 -13.97 -9.47
CA LEU F 38 -17.25 -14.58 -8.26
C LEU F 38 -18.21 -13.66 -7.52
N ASP F 39 -19.37 -14.20 -7.13
CA ASP F 39 -20.32 -13.41 -6.37
C ASP F 39 -19.66 -13.14 -5.03
N THR F 40 -19.73 -11.91 -4.55
CA THR F 40 -19.10 -11.56 -3.29
C THR F 40 -19.61 -12.38 -2.11
N SER F 41 -20.78 -12.99 -2.26
CA SER F 41 -21.35 -13.80 -1.19
C SER F 41 -20.86 -15.26 -1.23
N LEU F 42 -19.92 -15.53 -2.11
CA LEU F 42 -19.38 -16.87 -2.22
C LEU F 42 -18.47 -17.04 -1.00
N LEU F 43 -18.37 -18.25 -0.48
CA LEU F 43 -17.51 -18.48 0.65
C LEU F 43 -16.03 -18.42 0.24
N VAL F 44 -15.22 -17.79 1.07
CA VAL F 44 -13.78 -17.67 0.84
C VAL F 44 -13.07 -19.00 0.58
N LYS F 45 -13.51 -20.05 1.28
CA LYS F 45 -12.91 -21.38 1.11
C LYS F 45 -13.45 -22.06 -0.13
N LYS F 46 -14.62 -21.62 -0.58
CA LYS F 46 -15.21 -22.20 -1.79
C LYS F 46 -14.57 -21.57 -3.02
N SER F 47 -14.25 -20.29 -2.93
CA SER F 47 -13.63 -19.55 -4.03
C SER F 47 -12.21 -20.05 -4.29
N LEU F 48 -11.55 -20.54 -3.25
CA LEU F 48 -10.20 -21.03 -3.39
C LEU F 48 -10.18 -22.28 -4.29
N ASN F 49 -11.26 -23.04 -4.29
CA ASN F 49 -11.30 -24.24 -5.14
C ASN F 49 -11.62 -23.80 -6.54
N VAL F 50 -12.33 -22.68 -6.64
CA VAL F 50 -12.68 -22.17 -7.95
C VAL F 50 -11.41 -21.67 -8.62
N LEU F 51 -10.59 -20.91 -7.91
CA LEU F 51 -9.35 -20.45 -8.51
C LEU F 51 -8.56 -21.67 -8.95
N LEU F 52 -7.98 -22.38 -7.97
CA LEU F 52 -7.20 -23.59 -8.22
C LEU F 52 -7.74 -24.48 -9.32
N GLN F 53 -9.03 -24.78 -9.28
CA GLN F 53 -9.66 -25.65 -10.27
C GLN F 53 -9.57 -25.12 -11.69
N ASN F 54 -9.91 -23.84 -11.88
CA ASN F 54 -9.86 -23.22 -13.20
C ASN F 54 -8.44 -22.81 -13.54
N SER F 55 -7.50 -23.23 -12.72
CA SER F 55 -6.10 -22.94 -12.95
C SER F 55 -5.83 -21.45 -13.14
N ILE F 56 -6.23 -20.67 -12.14
CA ILE F 56 -6.01 -19.23 -12.15
C ILE F 56 -5.69 -18.82 -10.72
N VAL F 57 -5.28 -17.59 -10.55
CA VAL F 57 -4.92 -17.11 -9.22
C VAL F 57 -5.53 -15.74 -8.99
N SER F 58 -6.56 -15.41 -9.76
CA SER F 58 -7.19 -14.12 -9.62
C SER F 58 -8.56 -14.18 -10.22
N ALA F 59 -9.43 -13.26 -9.79
CA ALA F 59 -10.78 -13.24 -10.31
C ALA F 59 -11.55 -12.06 -9.75
N PRO F 60 -12.28 -11.35 -10.62
CA PRO F 60 -13.07 -10.19 -10.20
C PRO F 60 -14.30 -10.61 -9.40
N LEU F 61 -14.67 -9.76 -8.47
CA LEU F 61 -15.81 -10.01 -7.62
C LEU F 61 -16.99 -9.17 -8.07
N TRP F 62 -18.19 -9.75 -8.02
CA TRP F 62 -19.38 -9.00 -8.41
C TRP F 62 -20.44 -8.97 -7.31
N ASP F 63 -20.72 -7.78 -6.83
CA ASP F 63 -21.72 -7.59 -5.79
C ASP F 63 -23.11 -7.63 -6.44
N SER F 64 -23.92 -8.60 -6.06
CA SER F 64 -25.26 -8.71 -6.64
C SER F 64 -26.25 -7.77 -5.94
N LYS F 65 -26.04 -7.51 -4.66
CA LYS F 65 -26.92 -6.61 -3.93
C LYS F 65 -26.91 -5.24 -4.59
N THR F 66 -25.78 -4.88 -5.18
CA THR F 66 -25.63 -3.57 -5.82
C THR F 66 -25.31 -3.60 -7.31
N SER F 67 -25.19 -4.80 -7.88
CA SER F 67 -24.86 -4.94 -9.29
C SER F 67 -23.63 -4.07 -9.56
N ARG F 68 -22.49 -4.47 -9.01
CA ARG F 68 -21.25 -3.72 -9.15
C ARG F 68 -19.96 -4.56 -9.05
N PHE F 69 -19.01 -4.30 -9.92
CA PHE F 69 -17.74 -5.00 -9.86
C PHE F 69 -17.09 -4.56 -8.53
N ALA F 70 -16.78 -5.53 -7.66
CA ALA F 70 -16.20 -5.23 -6.36
C ALA F 70 -14.71 -5.52 -6.22
N GLY F 71 -13.90 -5.11 -7.19
CA GLY F 71 -12.47 -5.33 -7.10
C GLY F 71 -12.06 -6.72 -7.54
N LEU F 72 -10.79 -7.05 -7.32
CA LEU F 72 -10.26 -8.35 -7.71
C LEU F 72 -9.81 -9.23 -6.57
N LEU F 73 -10.26 -10.48 -6.57
CA LEU F 73 -9.83 -11.42 -5.56
C LEU F 73 -8.44 -11.94 -5.98
N THR F 74 -7.43 -11.70 -5.14
CA THR F 74 -6.08 -12.17 -5.44
C THR F 74 -5.49 -12.96 -4.28
N THR F 75 -4.22 -13.33 -4.40
CA THR F 75 -3.56 -14.12 -3.35
C THR F 75 -3.38 -13.34 -2.04
N THR F 76 -3.04 -12.06 -2.16
CA THR F 76 -2.86 -11.21 -0.99
C THR F 76 -4.08 -11.30 -0.08
N ASP F 77 -5.21 -11.72 -0.62
CA ASP F 77 -6.42 -11.83 0.17
C ASP F 77 -6.40 -13.06 1.06
N PHE F 78 -5.86 -14.17 0.57
CA PHE F 78 -5.80 -15.37 1.37
C PHE F 78 -4.70 -15.23 2.43
N ILE F 79 -3.63 -14.52 2.08
CA ILE F 79 -2.55 -14.29 3.02
C ILE F 79 -3.13 -13.50 4.20
N ASN F 80 -4.03 -12.58 3.89
CA ASN F 80 -4.69 -11.77 4.92
C ASN F 80 -5.49 -12.67 5.83
N VAL F 81 -6.34 -13.49 5.22
CA VAL F 81 -7.17 -14.41 5.97
C VAL F 81 -6.31 -15.37 6.80
N ILE F 82 -5.17 -15.79 6.27
CA ILE F 82 -4.32 -16.69 7.02
C ILE F 82 -3.72 -15.99 8.22
N GLN F 83 -3.39 -14.71 8.06
CA GLN F 83 -2.82 -13.94 9.14
C GLN F 83 -3.84 -13.60 10.23
N TYR F 84 -5.09 -13.37 9.82
CA TYR F 84 -6.13 -13.05 10.77
C TYR F 84 -6.35 -14.22 11.71
N TYR F 85 -6.48 -15.41 11.12
CA TYR F 85 -6.72 -16.63 11.90
C TYR F 85 -5.54 -17.08 12.74
N PHE F 86 -4.35 -16.63 12.41
CA PHE F 86 -3.16 -17.02 13.17
C PHE F 86 -3.04 -16.21 14.46
N SER F 87 -3.38 -14.92 14.37
CA SER F 87 -3.30 -14.06 15.53
C SER F 87 -4.64 -14.01 16.26
N ASN F 88 -5.64 -14.67 15.69
CA ASN F 88 -6.99 -14.70 16.25
C ASN F 88 -7.56 -16.12 16.40
N PRO F 89 -6.79 -17.03 17.01
CA PRO F 89 -7.33 -18.39 17.17
C PRO F 89 -8.61 -18.23 17.99
N ASP F 90 -9.60 -19.08 17.75
CA ASP F 90 -10.87 -18.98 18.46
C ASP F 90 -11.78 -18.00 17.74
N LYS F 91 -11.65 -18.00 16.41
CA LYS F 91 -12.45 -17.16 15.54
C LYS F 91 -12.56 -17.92 14.24
N PHE F 92 -12.48 -19.25 14.33
CA PHE F 92 -12.57 -20.09 13.15
C PHE F 92 -13.92 -19.96 12.46
N GLU F 93 -14.98 -19.77 13.24
CA GLU F 93 -16.30 -19.64 12.64
C GLU F 93 -16.28 -18.33 11.87
N LEU F 94 -15.65 -17.31 12.45
CA LEU F 94 -15.54 -16.02 11.79
C LEU F 94 -14.79 -16.20 10.46
N VAL F 95 -14.00 -17.26 10.38
CA VAL F 95 -13.24 -17.55 9.17
C VAL F 95 -13.95 -18.57 8.29
N ASP F 96 -14.52 -19.60 8.91
CA ASP F 96 -15.22 -20.67 8.19
C ASP F 96 -16.52 -20.20 7.56
N LYS F 97 -17.08 -19.13 8.10
CA LYS F 97 -18.33 -18.60 7.58
C LYS F 97 -18.03 -17.41 6.68
N LEU F 98 -16.77 -16.99 6.69
CA LEU F 98 -16.30 -15.86 5.90
C LEU F 98 -16.58 -15.93 4.41
N GLN F 99 -17.25 -14.89 3.91
CA GLN F 99 -17.57 -14.79 2.50
C GLN F 99 -16.62 -13.75 1.91
N LEU F 100 -16.69 -13.55 0.60
CA LEU F 100 -15.82 -12.59 -0.06
C LEU F 100 -16.13 -11.15 0.32
N ASP F 101 -17.40 -10.86 0.60
CA ASP F 101 -17.83 -9.52 0.97
C ASP F 101 -17.22 -9.07 2.30
N GLY F 102 -17.07 -10.00 3.23
CA GLY F 102 -16.52 -9.66 4.53
C GLY F 102 -15.01 -9.63 4.50
N LEU F 103 -14.45 -9.81 3.32
CA LEU F 103 -13.01 -9.82 3.15
C LEU F 103 -12.41 -8.44 3.40
N LYS F 104 -13.09 -7.40 2.96
CA LYS F 104 -12.56 -6.05 3.18
C LYS F 104 -12.51 -5.79 4.69
N ASP F 105 -13.58 -6.20 5.36
CA ASP F 105 -13.73 -6.01 6.80
C ASP F 105 -12.58 -6.63 7.61
N ILE F 106 -12.07 -7.76 7.16
CA ILE F 106 -10.95 -8.42 7.85
C ILE F 106 -9.66 -7.72 7.49
N GLU F 107 -9.57 -7.33 6.23
CA GLU F 107 -8.43 -6.61 5.71
C GLU F 107 -8.22 -5.39 6.60
N ARG F 108 -9.24 -4.54 6.66
CA ARG F 108 -9.18 -3.34 7.49
C ARG F 108 -9.06 -3.72 8.95
N ALA F 109 -9.85 -4.70 9.37
CA ALA F 109 -9.84 -5.18 10.74
C ALA F 109 -8.50 -4.95 11.41
N LEU F 110 -7.68 -5.99 11.43
CA LEU F 110 -6.36 -5.89 12.02
C LEU F 110 -5.31 -5.63 10.97
N GLY F 111 -4.38 -4.76 11.30
CA GLY F 111 -3.31 -4.45 10.39
C GLY F 111 -3.73 -3.64 9.18
N VAL F 112 -2.72 -3.29 8.40
CA VAL F 112 -2.86 -2.51 7.19
C VAL F 112 -3.86 -3.09 6.22
N ASP F 113 -4.61 -2.20 5.58
CA ASP F 113 -5.59 -2.59 4.57
C ASP F 113 -5.28 -1.93 3.21
N GLN F 114 -4.88 -2.75 2.25
CA GLN F 114 -4.58 -2.25 0.92
C GLN F 114 -5.93 -2.02 0.26
N LEU F 115 -6.23 -0.77 -0.04
CA LEU F 115 -7.51 -0.43 -0.67
C LEU F 115 -7.28 0.15 -2.07
N ASP F 116 -6.56 -0.62 -2.90
CA ASP F 116 -6.26 -0.22 -4.28
C ASP F 116 -7.05 -1.05 -5.28
N THR F 117 -7.51 -0.41 -6.35
CA THR F 117 -8.28 -1.10 -7.38
C THR F 117 -8.08 -0.44 -8.74
N ALA F 118 -6.86 -0.59 -9.26
CA ALA F 118 -6.48 -0.01 -10.54
C ALA F 118 -7.25 -0.62 -11.73
N SER F 119 -7.68 0.23 -12.66
CA SER F 119 -8.38 -0.24 -13.85
C SER F 119 -8.20 0.78 -14.97
N ILE F 120 -8.35 0.33 -16.21
CA ILE F 120 -8.18 1.23 -17.34
C ILE F 120 -9.19 0.88 -18.42
N HIS F 121 -9.51 1.84 -19.28
CA HIS F 121 -10.48 1.62 -20.35
C HIS F 121 -9.78 0.92 -21.51
N PRO F 122 -10.34 -0.20 -21.97
CA PRO F 122 -9.87 -1.06 -23.07
C PRO F 122 -9.32 -0.37 -24.34
N SER F 123 -9.85 0.81 -24.68
CA SER F 123 -9.41 1.55 -25.87
C SER F 123 -8.11 2.31 -25.69
N ARG F 124 -7.68 2.53 -24.46
CA ARG F 124 -6.44 3.26 -24.25
C ARG F 124 -5.28 2.40 -24.73
N PRO F 125 -4.14 3.02 -25.05
CA PRO F 125 -2.97 2.28 -25.52
C PRO F 125 -2.37 1.30 -24.52
N LEU F 126 -1.90 0.19 -25.05
CA LEU F 126 -1.29 -0.88 -24.26
C LEU F 126 -0.22 -0.30 -23.36
N PHE F 127 0.55 0.64 -23.91
CA PHE F 127 1.63 1.29 -23.17
C PHE F 127 1.12 1.91 -21.86
N GLU F 128 -0.02 2.58 -21.92
CA GLU F 128 -0.57 3.20 -20.73
C GLU F 128 -1.08 2.18 -19.72
N ALA F 129 -1.63 1.07 -20.19
CA ALA F 129 -2.15 0.03 -19.33
C ALA F 129 -0.98 -0.54 -18.52
N CYS F 130 0.18 -0.61 -19.17
CA CYS F 130 1.39 -1.12 -18.53
C CYS F 130 1.85 -0.16 -17.45
N LEU F 131 1.93 1.12 -17.80
CA LEU F 131 2.36 2.13 -16.84
C LEU F 131 1.57 2.04 -15.54
N LYS F 132 0.30 1.67 -15.63
CA LYS F 132 -0.55 1.55 -14.46
C LYS F 132 -0.18 0.39 -13.55
N MET F 133 0.12 -0.76 -14.15
CA MET F 133 0.51 -1.91 -13.36
C MET F 133 1.77 -1.56 -12.58
N LEU F 134 2.61 -0.70 -13.16
CA LEU F 134 3.81 -0.31 -12.47
C LEU F 134 3.47 0.40 -11.18
N GLU F 135 2.20 0.78 -11.04
CA GLU F 135 1.72 1.44 -9.82
C GLU F 135 1.28 0.33 -8.89
N SER F 136 0.34 -0.47 -9.37
CA SER F 136 -0.15 -1.60 -8.60
C SER F 136 0.90 -2.72 -8.64
N ARG F 137 1.79 -2.72 -7.65
CA ARG F 137 2.83 -3.74 -7.51
C ARG F 137 2.08 -5.06 -7.34
N SER F 138 1.11 -5.30 -8.23
CA SER F 138 0.29 -6.50 -8.21
C SER F 138 0.23 -7.07 -9.63
N GLY F 139 0.95 -6.41 -10.54
CA GLY F 139 1.02 -6.86 -11.92
C GLY F 139 -0.20 -7.32 -12.70
N ARG F 140 -1.36 -6.75 -12.41
CA ARG F 140 -2.54 -7.11 -13.17
C ARG F 140 -3.55 -5.97 -13.09
N ILE F 141 -4.05 -5.54 -14.23
CA ILE F 141 -5.00 -4.45 -14.28
C ILE F 141 -6.28 -4.84 -15.05
N PRO F 142 -7.44 -4.64 -14.42
CA PRO F 142 -8.67 -5.00 -15.12
C PRO F 142 -9.12 -3.91 -16.12
N LEU F 143 -9.55 -4.34 -17.29
CA LEU F 143 -10.02 -3.44 -18.32
C LEU F 143 -11.50 -3.22 -18.05
N ILE F 144 -11.89 -1.96 -17.97
CA ILE F 144 -13.27 -1.62 -17.66
C ILE F 144 -13.96 -0.72 -18.66
N ASP F 145 -15.23 -1.01 -18.92
CA ASP F 145 -16.03 -0.23 -19.85
C ASP F 145 -17.44 -0.06 -19.27
N GLN F 146 -18.30 0.68 -19.96
CA GLN F 146 -19.68 0.90 -19.52
C GLN F 146 -20.67 0.17 -20.43
N ARG F 152 -23.66 0.10 -14.54
CA ARG F 152 -23.37 0.16 -15.97
C ARG F 152 -21.93 -0.30 -16.24
N GLU F 153 -21.18 -0.55 -15.16
CA GLU F 153 -19.78 -0.98 -15.24
C GLU F 153 -19.60 -2.46 -15.59
N ILE F 154 -18.62 -2.75 -16.43
CA ILE F 154 -18.34 -4.12 -16.84
C ILE F 154 -16.83 -4.36 -16.93
N VAL F 155 -16.41 -5.55 -16.52
CA VAL F 155 -14.99 -5.88 -16.57
C VAL F 155 -14.87 -6.63 -17.85
N VAL F 156 -14.21 -6.02 -18.83
CA VAL F 156 -14.05 -6.64 -20.13
C VAL F 156 -13.07 -7.81 -20.05
N SER F 157 -12.00 -7.64 -19.28
CA SER F 157 -11.00 -8.68 -19.07
C SER F 157 -9.92 -8.16 -18.16
N VAL F 158 -8.97 -9.01 -17.80
CA VAL F 158 -7.86 -8.56 -16.95
C VAL F 158 -6.52 -8.79 -17.62
N LEU F 159 -5.75 -7.72 -17.69
CA LEU F 159 -4.43 -7.75 -18.31
C LEU F 159 -3.42 -8.03 -17.22
N THR F 160 -2.34 -8.76 -17.56
CA THR F 160 -1.32 -9.09 -16.57
C THR F 160 0.08 -8.98 -17.14
N GLN F 161 1.02 -8.45 -16.36
CA GLN F 161 2.41 -8.31 -16.80
C GLN F 161 2.96 -9.53 -17.49
N TYR F 162 2.58 -10.72 -17.04
CA TYR F 162 3.11 -11.89 -17.70
C TYR F 162 2.68 -11.88 -19.15
N ARG F 163 1.37 -11.82 -19.37
CA ARG F 163 0.83 -11.81 -20.73
C ARG F 163 1.48 -10.73 -21.61
N ILE F 164 1.71 -9.54 -21.05
CA ILE F 164 2.29 -8.46 -21.84
C ILE F 164 3.70 -8.83 -22.32
N LEU F 165 4.56 -9.26 -21.40
CA LEU F 165 5.94 -9.65 -21.75
C LEU F 165 5.93 -10.82 -22.72
N LYS F 166 5.05 -11.80 -22.44
CA LYS F 166 4.93 -12.94 -23.30
C LYS F 166 4.47 -12.44 -24.70
N PHE F 167 3.60 -11.44 -24.75
CA PHE F 167 3.18 -10.88 -26.02
C PHE F 167 4.42 -10.31 -26.70
N VAL F 168 5.24 -9.58 -25.94
CA VAL F 168 6.45 -8.98 -26.48
C VAL F 168 7.54 -9.98 -26.90
N ALA F 169 7.73 -11.03 -26.13
CA ALA F 169 8.76 -12.00 -26.46
C ALA F 169 8.33 -12.81 -27.66
N LEU F 170 7.03 -12.74 -27.95
CA LEU F 170 6.47 -13.52 -29.04
C LEU F 170 6.18 -12.74 -30.32
N ASN F 171 6.11 -11.42 -30.22
CA ASN F 171 5.77 -10.66 -31.41
C ASN F 171 6.71 -9.50 -31.71
N CYS F 172 7.89 -9.54 -31.12
CA CYS F 172 8.88 -8.51 -31.36
C CYS F 172 10.27 -9.15 -31.50
N ARG F 173 10.60 -9.49 -32.74
CA ARG F 173 11.87 -10.10 -33.10
C ARG F 173 13.02 -9.35 -32.43
N GLU F 174 12.84 -8.05 -32.23
CA GLU F 174 13.87 -7.23 -31.62
C GLU F 174 14.33 -7.62 -30.23
N THR F 175 13.57 -8.42 -29.50
CA THR F 175 14.00 -8.80 -28.15
C THR F 175 15.27 -9.64 -28.29
N HIS F 176 15.53 -10.08 -29.52
CA HIS F 176 16.72 -10.87 -29.87
C HIS F 176 17.94 -9.96 -29.86
N PHE F 177 17.71 -8.65 -29.83
CA PHE F 177 18.78 -7.66 -29.85
C PHE F 177 19.08 -7.02 -28.50
N LEU F 178 18.52 -7.61 -27.44
CA LEU F 178 18.76 -7.10 -26.10
C LEU F 178 19.94 -7.85 -25.47
N LYS F 179 21.13 -7.65 -26.03
CA LYS F 179 22.35 -8.33 -25.58
C LYS F 179 23.04 -7.75 -24.36
N ILE F 180 22.81 -6.48 -24.04
CA ILE F 180 23.46 -5.93 -22.86
C ILE F 180 23.23 -6.82 -21.66
N PRO F 181 24.31 -7.26 -21.00
CA PRO F 181 24.11 -8.12 -19.84
C PRO F 181 23.28 -7.36 -18.81
N ILE F 182 22.39 -8.10 -18.13
CA ILE F 182 21.51 -7.53 -17.11
C ILE F 182 22.26 -6.80 -15.98
N GLY F 183 23.46 -7.31 -15.64
CA GLY F 183 24.24 -6.70 -14.58
C GLY F 183 24.60 -5.26 -14.90
N ASP F 184 24.88 -4.99 -16.18
CA ASP F 184 25.26 -3.66 -16.66
C ASP F 184 24.07 -2.70 -16.70
N LEU F 185 22.87 -3.24 -16.65
CA LEU F 185 21.64 -2.42 -16.62
C LEU F 185 21.34 -2.34 -15.13
N ASN F 186 20.86 -1.19 -14.66
CA ASN F 186 20.56 -1.04 -13.24
C ASN F 186 19.17 -1.57 -12.88
N ILE F 187 18.82 -2.75 -13.38
CA ILE F 187 17.49 -3.31 -13.14
C ILE F 187 17.32 -4.30 -11.99
N ILE F 188 18.28 -5.17 -11.76
CA ILE F 188 18.18 -6.15 -10.70
C ILE F 188 17.90 -5.56 -9.31
N THR F 189 17.13 -6.31 -8.51
CA THR F 189 16.81 -5.91 -7.15
C THR F 189 17.92 -6.50 -6.26
N GLN F 190 18.84 -5.65 -5.87
CA GLN F 190 19.99 -6.04 -5.05
C GLN F 190 19.63 -6.16 -3.57
N ASP F 191 19.39 -5.02 -2.92
CA ASP F 191 19.05 -5.04 -1.51
C ASP F 191 17.55 -4.85 -1.27
N ASN F 192 17.16 -4.92 0.00
CA ASN F 192 15.76 -4.80 0.38
C ASN F 192 14.93 -5.99 -0.09
N MET F 193 15.52 -7.17 0.06
CA MET F 193 14.87 -8.43 -0.30
C MET F 193 15.24 -9.43 0.81
N LYS F 194 14.26 -9.79 1.62
CA LYS F 194 14.49 -10.71 2.71
C LYS F 194 14.53 -12.15 2.24
N SER F 195 14.86 -13.05 3.14
CA SER F 195 14.94 -14.48 2.82
C SER F 195 14.84 -15.23 4.13
N CYS F 196 14.80 -16.56 4.08
CA CYS F 196 14.74 -17.36 5.28
C CYS F 196 15.42 -18.71 5.10
N GLN F 197 15.24 -19.62 6.05
CA GLN F 197 15.86 -20.94 6.00
C GLN F 197 14.79 -22.00 5.86
N MET F 198 15.19 -23.25 5.62
CA MET F 198 14.22 -24.32 5.46
C MET F 198 13.45 -24.61 6.71
N THR F 199 14.05 -24.32 7.86
CA THR F 199 13.39 -24.59 9.13
C THR F 199 12.65 -23.41 9.70
N THR F 200 12.62 -22.28 8.98
CA THR F 200 11.89 -21.10 9.39
C THR F 200 10.40 -21.47 9.40
N PRO F 201 9.65 -21.11 10.47
CA PRO F 201 8.22 -21.46 10.51
C PRO F 201 7.49 -20.83 9.32
N VAL F 202 6.42 -21.45 8.85
CA VAL F 202 5.71 -20.89 7.69
C VAL F 202 5.09 -19.52 7.89
N ILE F 203 4.38 -19.30 9.00
CA ILE F 203 3.76 -18.00 9.25
C ILE F 203 4.76 -16.85 9.15
N ASP F 204 5.93 -17.01 9.74
CA ASP F 204 6.94 -15.97 9.70
C ASP F 204 7.22 -15.60 8.25
N VAL F 205 7.25 -16.61 7.39
CA VAL F 205 7.53 -16.42 5.97
C VAL F 205 6.36 -15.73 5.29
N ILE F 206 5.15 -16.12 5.67
CA ILE F 206 3.98 -15.52 5.09
C ILE F 206 3.90 -14.09 5.61
N GLN F 207 4.36 -13.89 6.84
CA GLN F 207 4.38 -12.56 7.41
C GLN F 207 5.31 -11.69 6.58
N MET F 208 6.44 -12.27 6.20
CA MET F 208 7.42 -11.56 5.37
C MET F 208 6.79 -11.13 4.06
N LEU F 209 5.73 -11.84 3.66
CA LEU F 209 5.05 -11.53 2.42
C LEU F 209 4.31 -10.22 2.56
N THR F 210 3.54 -10.11 3.64
CA THR F 210 2.81 -8.89 3.92
C THR F 210 3.79 -7.76 4.18
N GLN F 211 4.66 -7.96 5.16
CA GLN F 211 5.65 -6.98 5.53
C GLN F 211 6.42 -6.42 4.34
N GLY F 212 7.34 -7.20 3.80
CA GLY F 212 8.11 -6.73 2.66
C GLY F 212 7.29 -6.43 1.41
N ARG F 213 5.98 -6.71 1.48
CA ARG F 213 5.07 -6.50 0.37
C ARG F 213 5.71 -7.04 -0.92
N VAL F 214 6.27 -8.23 -0.79
CA VAL F 214 6.93 -8.91 -1.89
C VAL F 214 6.14 -10.15 -2.26
N SER F 215 6.30 -10.59 -3.50
CA SER F 215 5.60 -11.75 -4.02
C SER F 215 6.21 -13.08 -3.56
N SER F 216 7.44 -13.02 -3.05
CA SER F 216 8.09 -14.26 -2.62
C SER F 216 9.28 -14.08 -1.69
N VAL F 217 9.68 -15.18 -1.07
CA VAL F 217 10.81 -15.17 -0.15
C VAL F 217 11.80 -16.28 -0.45
N PRO F 218 13.02 -15.91 -0.90
CA PRO F 218 14.03 -16.93 -1.21
C PRO F 218 14.56 -17.64 0.02
N ILE F 219 14.63 -18.96 -0.07
CA ILE F 219 15.11 -19.80 1.02
C ILE F 219 16.58 -20.16 0.79
N ILE F 220 17.44 -19.72 1.71
CA ILE F 220 18.85 -20.03 1.58
C ILE F 220 19.37 -20.90 2.71
N ASP F 221 20.67 -21.15 2.69
CA ASP F 221 21.30 -21.94 3.75
C ASP F 221 22.24 -21.07 4.58
N GLU F 222 22.81 -21.67 5.62
CA GLU F 222 23.73 -20.96 6.51
C GLU F 222 24.68 -20.05 5.73
N ASN F 223 25.12 -20.52 4.57
CA ASN F 223 26.05 -19.76 3.74
C ASN F 223 25.42 -18.96 2.60
N GLY F 224 24.10 -18.98 2.53
CA GLY F 224 23.43 -18.21 1.51
C GLY F 224 23.31 -18.74 0.10
N TYR F 225 23.37 -20.05 -0.08
CA TYR F 225 23.20 -20.61 -1.41
C TYR F 225 21.70 -20.75 -1.55
N LEU F 226 21.17 -20.37 -2.71
CA LEU F 226 19.74 -20.46 -2.91
C LEU F 226 19.33 -21.92 -3.01
N ILE F 227 18.48 -22.36 -2.09
CA ILE F 227 18.04 -23.75 -2.06
C ILE F 227 16.67 -23.90 -2.67
N ASN F 228 15.78 -22.97 -2.34
CA ASN F 228 14.43 -23.00 -2.86
C ASN F 228 13.82 -21.63 -2.65
N VAL F 229 12.53 -21.49 -3.00
CA VAL F 229 11.83 -20.21 -2.86
C VAL F 229 10.40 -20.38 -2.37
N TYR F 230 9.92 -19.47 -1.52
CA TYR F 230 8.53 -19.56 -1.11
C TYR F 230 7.69 -18.45 -1.75
N GLU F 231 6.68 -18.89 -2.48
CA GLU F 231 5.79 -17.97 -3.19
C GLU F 231 4.43 -17.77 -2.55
N ALA F 232 3.86 -16.60 -2.76
CA ALA F 232 2.54 -16.29 -2.25
C ALA F 232 1.53 -17.28 -2.86
N TYR F 233 1.84 -17.80 -4.04
CA TYR F 233 0.94 -18.75 -4.67
C TYR F 233 0.93 -20.06 -3.91
N ASP F 234 1.99 -20.36 -3.17
CA ASP F 234 2.05 -21.61 -2.40
C ASP F 234 1.01 -21.63 -1.30
N VAL F 235 0.62 -20.45 -0.83
CA VAL F 235 -0.37 -20.28 0.22
C VAL F 235 -1.74 -20.88 -0.12
N LEU F 236 -2.14 -20.84 -1.39
CA LEU F 236 -3.43 -21.41 -1.78
C LEU F 236 -3.46 -22.91 -1.54
N GLY F 237 -2.33 -23.58 -1.75
CA GLY F 237 -2.29 -25.00 -1.53
C GLY F 237 -2.15 -25.30 -0.05
N LEU F 238 -1.67 -24.32 0.71
CA LEU F 238 -1.47 -24.48 2.15
C LEU F 238 -2.80 -24.56 2.88
N ILE F 239 -3.84 -23.97 2.30
CA ILE F 239 -5.15 -23.99 2.92
C ILE F 239 -6.23 -24.69 2.10
N LYS F 240 -5.91 -25.00 0.85
CA LYS F 240 -6.79 -25.65 -0.12
C LYS F 240 -8.30 -25.68 0.15
N GLY F 241 -8.74 -26.20 1.29
CA GLY F 241 -10.18 -26.22 1.53
C GLY F 241 -10.63 -25.74 2.90
N GLY F 242 -9.81 -24.91 3.54
CA GLY F 242 -10.11 -24.41 4.88
C GLY F 242 -9.19 -25.16 5.85
N ILE F 243 -8.12 -24.50 6.29
CA ILE F 243 -7.16 -25.16 7.19
C ILE F 243 -6.46 -24.17 8.15
N TYR F 244 -5.45 -24.71 8.82
CA TYR F 244 -4.63 -23.99 9.78
C TYR F 244 -3.65 -25.04 10.26
N ASN F 245 -4.11 -26.28 10.27
CA ASN F 245 -3.29 -27.39 10.72
C ASN F 245 -1.87 -27.15 10.23
N ASP F 246 -1.75 -27.11 8.90
CA ASP F 246 -0.47 -26.90 8.22
C ASP F 246 0.15 -25.52 8.44
N LEU F 247 -0.51 -24.68 9.22
CA LEU F 247 -0.02 -23.34 9.50
C LEU F 247 1.09 -23.38 10.54
N SER F 248 1.28 -24.55 11.13
CA SER F 248 2.31 -24.72 12.16
C SER F 248 3.61 -25.30 11.60
N LEU F 249 3.60 -25.65 10.30
CA LEU F 249 4.77 -26.22 9.65
C LEU F 249 5.88 -25.22 9.35
N SER F 250 6.99 -25.73 8.81
CA SER F 250 8.13 -24.93 8.39
C SER F 250 7.98 -24.72 6.85
N VAL F 251 8.74 -23.78 6.28
CA VAL F 251 8.62 -23.56 4.84
C VAL F 251 8.96 -24.85 4.12
N GLY F 252 10.04 -25.50 4.56
CA GLY F 252 10.44 -26.76 3.95
C GLY F 252 9.30 -27.76 3.91
N GLU F 253 8.64 -27.96 5.05
CA GLU F 253 7.52 -28.89 5.11
C GLU F 253 6.36 -28.39 4.25
N ALA F 254 6.05 -27.10 4.36
CA ALA F 254 4.98 -26.48 3.60
C ALA F 254 5.20 -26.68 2.12
N LEU F 255 6.40 -26.38 1.63
CA LEU F 255 6.75 -26.53 0.22
C LEU F 255 6.54 -27.94 -0.34
N MET F 256 6.34 -28.89 0.55
CA MET F 256 6.12 -30.24 0.10
C MET F 256 4.71 -30.43 -0.37
N ARG F 257 3.84 -29.46 -0.11
CA ARG F 257 2.47 -29.60 -0.60
C ARG F 257 2.47 -29.25 -2.09
N ARG F 258 3.48 -28.48 -2.47
CA ARG F 258 3.67 -28.04 -3.84
C ARG F 258 3.34 -29.20 -4.79
N SER F 259 2.68 -28.87 -5.89
CA SER F 259 2.26 -29.88 -6.84
C SER F 259 3.36 -30.58 -7.66
N ASP F 260 3.11 -31.86 -7.95
CA ASP F 260 4.02 -32.68 -8.72
C ASP F 260 4.38 -32.04 -10.06
N ASP F 261 3.52 -31.15 -10.55
CA ASP F 261 3.80 -30.49 -11.81
C ASP F 261 4.23 -29.03 -11.63
N PHE F 262 4.98 -28.78 -10.57
CA PHE F 262 5.51 -27.46 -10.30
C PHE F 262 6.73 -27.37 -11.21
N GLU F 263 6.78 -26.35 -12.06
CA GLU F 263 7.91 -26.24 -12.96
C GLU F 263 9.23 -26.00 -12.25
N GLY F 264 9.22 -25.16 -11.22
CA GLY F 264 10.44 -24.91 -10.51
C GLY F 264 10.81 -23.45 -10.52
N VAL F 265 11.92 -23.13 -9.86
CA VAL F 265 12.41 -21.79 -9.73
C VAL F 265 13.56 -21.53 -10.72
N TYR F 266 13.48 -20.42 -11.44
CA TYR F 266 14.50 -20.07 -12.39
C TYR F 266 15.52 -19.17 -11.75
N THR F 267 16.76 -19.26 -12.23
CA THR F 267 17.84 -18.43 -11.73
C THR F 267 18.63 -18.00 -12.95
N CYS F 268 19.51 -17.03 -12.74
CA CYS F 268 20.36 -16.55 -13.81
C CYS F 268 21.50 -15.80 -13.15
N THR F 269 22.40 -15.24 -13.95
CA THR F 269 23.51 -14.48 -13.40
C THR F 269 23.56 -13.13 -14.06
N LYS F 270 24.34 -12.22 -13.49
CA LYS F 270 24.45 -10.88 -14.04
C LYS F 270 24.85 -10.87 -15.53
N ASN F 271 25.64 -11.85 -15.94
CA ASN F 271 26.06 -11.90 -17.33
C ASN F 271 24.92 -12.28 -18.29
N ASP F 272 23.83 -12.78 -17.73
CA ASP F 272 22.70 -13.16 -18.57
C ASP F 272 22.04 -11.95 -19.24
N LYS F 273 21.51 -12.17 -20.44
CA LYS F 273 20.89 -11.13 -21.23
C LYS F 273 19.36 -11.11 -21.21
N LEU F 274 18.77 -9.95 -21.50
CA LEU F 274 17.33 -9.83 -21.55
C LEU F 274 16.81 -10.66 -22.72
N SER F 275 17.65 -10.88 -23.72
CA SER F 275 17.25 -11.67 -24.86
C SER F 275 16.85 -13.05 -24.36
N THR F 276 17.80 -13.73 -23.70
CA THR F 276 17.58 -15.08 -23.17
C THR F 276 16.45 -15.08 -22.15
N ILE F 277 16.47 -14.13 -21.21
CA ILE F 277 15.40 -14.06 -20.22
C ILE F 277 14.03 -13.96 -20.93
N MET F 278 13.91 -12.98 -21.80
CA MET F 278 12.70 -12.75 -22.58
C MET F 278 12.33 -14.05 -23.25
N ASP F 279 13.31 -14.69 -23.84
CA ASP F 279 13.11 -15.96 -24.51
C ASP F 279 12.55 -17.00 -23.54
N ASN F 280 13.00 -16.98 -22.29
CA ASN F 280 12.51 -17.93 -21.29
C ASN F 280 11.07 -17.61 -20.90
N ILE F 281 10.73 -16.32 -20.86
CA ILE F 281 9.36 -15.89 -20.58
C ILE F 281 8.47 -16.58 -21.62
N ARG F 282 8.95 -16.70 -22.85
CA ARG F 282 8.15 -17.32 -23.92
C ARG F 282 7.86 -18.81 -23.74
N LYS F 283 8.86 -19.57 -23.32
CA LYS F 283 8.66 -21.01 -23.14
C LYS F 283 7.95 -21.42 -21.85
N ALA F 284 7.94 -20.57 -20.82
CA ALA F 284 7.32 -20.98 -19.57
C ALA F 284 6.68 -19.87 -18.72
N ARG F 285 5.70 -20.24 -17.88
CA ARG F 285 5.08 -19.22 -17.03
C ARG F 285 6.08 -18.86 -15.96
N VAL F 286 6.89 -17.84 -16.20
CA VAL F 286 7.90 -17.39 -15.23
C VAL F 286 7.55 -16.03 -14.68
N HIS F 287 7.65 -15.86 -13.37
CA HIS F 287 7.34 -14.58 -12.76
C HIS F 287 8.52 -13.84 -12.17
N ARG F 288 9.71 -14.43 -12.26
CA ARG F 288 10.89 -13.79 -11.73
C ARG F 288 12.12 -14.67 -11.94
N PHE F 289 13.28 -14.04 -11.88
CA PHE F 289 14.51 -14.78 -12.03
C PHE F 289 15.38 -14.44 -10.85
N PHE F 290 15.76 -15.45 -10.10
CA PHE F 290 16.62 -15.20 -8.95
C PHE F 290 18.05 -15.11 -9.43
N VAL F 291 18.75 -14.09 -8.96
CA VAL F 291 20.11 -13.86 -9.38
C VAL F 291 21.15 -14.41 -8.40
N VAL F 292 21.76 -15.55 -8.76
CA VAL F 292 22.80 -16.15 -7.93
C VAL F 292 24.12 -15.76 -8.58
N ASP F 293 25.23 -16.00 -7.89
CA ASP F 293 26.53 -15.67 -8.44
C ASP F 293 27.26 -16.89 -8.99
N ASP F 294 28.54 -16.69 -9.24
CA ASP F 294 29.44 -17.72 -9.77
C ASP F 294 29.27 -19.14 -9.21
N VAL F 295 28.83 -19.25 -7.96
CA VAL F 295 28.67 -20.56 -7.32
C VAL F 295 27.22 -20.94 -7.03
N GLY F 296 26.34 -19.95 -6.94
CA GLY F 296 24.95 -20.24 -6.65
C GLY F 296 24.46 -19.42 -5.47
N ARG F 297 25.18 -18.36 -5.15
CA ARG F 297 24.81 -17.51 -4.05
C ARG F 297 23.78 -16.45 -4.44
N LEU F 298 22.68 -16.43 -3.70
CA LEU F 298 21.63 -15.45 -3.97
C LEU F 298 22.24 -14.08 -3.93
N VAL F 299 22.17 -13.39 -5.05
CA VAL F 299 22.70 -12.05 -5.13
C VAL F 299 21.54 -11.05 -5.18
N GLY F 300 20.48 -11.43 -5.89
CA GLY F 300 19.32 -10.57 -6.01
C GLY F 300 18.15 -11.20 -6.73
N VAL F 301 17.25 -10.36 -7.23
CA VAL F 301 16.07 -10.84 -7.94
C VAL F 301 15.79 -9.90 -9.09
N LEU F 302 15.17 -10.42 -10.13
CA LEU F 302 14.78 -9.62 -11.29
C LEU F 302 13.32 -10.00 -11.53
N THR F 303 12.43 -9.05 -11.26
CA THR F 303 10.99 -9.25 -11.41
C THR F 303 10.50 -9.01 -12.84
N LEU F 304 9.26 -9.42 -13.12
CA LEU F 304 8.66 -9.18 -14.42
C LEU F 304 8.61 -7.65 -14.48
N SER F 305 8.15 -7.06 -13.38
CA SER F 305 8.06 -5.61 -13.20
C SER F 305 9.40 -4.91 -13.41
N ASP F 306 10.48 -5.49 -12.90
CA ASP F 306 11.79 -4.89 -13.10
C ASP F 306 12.03 -4.80 -14.61
N ILE F 307 11.70 -5.88 -15.31
CA ILE F 307 11.89 -5.97 -16.76
C ILE F 307 10.95 -5.02 -17.49
N LEU F 308 9.66 -5.11 -17.15
CA LEU F 308 8.65 -4.28 -17.79
C LEU F 308 8.94 -2.80 -17.60
N LYS F 309 9.52 -2.43 -16.46
CA LYS F 309 9.79 -1.02 -16.24
C LYS F 309 11.01 -0.61 -17.03
N TYR F 310 11.86 -1.57 -17.37
CA TYR F 310 13.04 -1.25 -18.14
C TYR F 310 12.66 -1.10 -19.61
N ILE F 311 11.72 -1.91 -20.05
CA ILE F 311 11.27 -1.83 -21.43
C ILE F 311 10.55 -0.51 -21.66
N LEU F 312 9.74 -0.08 -20.71
CA LEU F 312 8.96 1.15 -20.84
C LEU F 312 9.62 2.42 -20.35
N LEU F 313 10.73 2.32 -19.61
CA LEU F 313 11.35 3.51 -19.06
C LEU F 313 12.87 3.48 -18.96
N GLY F 314 13.47 2.34 -19.23
CA GLY F 314 14.92 2.23 -19.18
C GLY F 314 15.49 2.29 -17.78
N SER F 315 16.82 2.39 -17.68
CA SER F 315 17.49 2.46 -16.38
C SER F 315 17.14 3.74 -15.62
#